data_6OYA
#
_entry.id   6OYA
#
_cell.length_a   1.00
_cell.length_b   1.00
_cell.length_c   1.00
_cell.angle_alpha   90.00
_cell.angle_beta   90.00
_cell.angle_gamma   90.00
#
_symmetry.space_group_name_H-M   'P 1'
#
loop_
_entity.id
_entity.type
_entity.pdbx_description
1 polymer 'Gt-alpha/Gi1-alpha chimera'
2 polymer 'Guanine nucleotide-binding protein G(I)/G(S)/G(T) subunit beta-1'
3 polymer 'Guanine nucleotide-binding protein G(T) subunit gamma-T1'
4 polymer 'Camelid antibody VHH fragment'
5 polymer Rhodopsin
6 non-polymer RETINAL
#
loop_
_entity_poly.entity_id
_entity_poly.type
_entity_poly.pdbx_seq_one_letter_code
_entity_poly.pdbx_strand_id
1 'polypeptide(L)'
;MAHHHHHHAMGAGASAEEKHSRELEKKLKEDAEKDARTVKLLLLGAGESGKSTIVKQMKIIHQDGYSLEECLEFIAIIYG
NTLQSILAIVRAMTTLNIQYGDSARQDDARKLMHMADTIEEGTMPKEMSDIIQRLWKDSGIQACFDRASEYQLNDSAGYY
LSDLERLVTPGYVPTEQDVLRSRVKTTGIIETQFSFKDLNFRMFDVGGQRDERRKWIHCFEGVTAIIFCVALSDYDMVLV
EDNQTNRMQESMNLFKSICNNKWFTDTSIILFLNKKDLFEEKIKKSPLTDYYPEYAGSNTYEEAGNYIKVQFLELNMASD
VKEIYSHMTCATDTQNVKFVFDAVTDIIIKENLKDCGLF
;
A
2 'polypeptide(L)'
;MSELDQLRQEAEQLKNQIRDARKACADATLSQITNNIDPVGRIQMRTRRTLRGHLAKIYAMHWGTDSRLLLSASQDGKLI
IWDSYTTNKVHAIPLRSSWVMTCAYAPSGNYVACGGLDNICSIYNLKTREGNVRVSRELAGHTGYLSCCRFLDDNQIVTS
SGDTTCALWDIETGQQTTTFTGHTGDVMSLSLAPDTRLFVSGACDASAKLWDVREGMCRQTFTGHESDINAICFFPNGNA
FATGSDDATCRLFDLRADQELMTYSHDNIICGITSVSFSKSGRLLLAGYDDFNCNVWDALKADRAGVLAGHDNRVSCLGV
TDDGMAVATGSWDSFLKIWN
;
B
3 'polypeptide(L)'
;MPVINIEDPVINIEDLTEKDKLKMEVDQLKKEVTLERMLVSKCCEEFRDYVEERSGEDPLVKGIPEDKNPFKELKGGCVI
S
;
G
4 'polypeptide(L)'
;QVQLQESGGGLVQPGGSLRLSCAASGFTFSNYKMNWVRQAPGKGLQWVSDISQSGASISYTGSVKGRFTISRDDAKNTLY
LQMNSLKPADTAVYYCARCPAPFTRDCFDVTSTAYAYRGQGTQVTVSSHHHHHHEPEA
;
N
5 'polypeptide(L)'
;MNGTEGPNFYVPFSNKTGVVRSPFEAPQYYLAEPWQFSMLAAYMFLLIMLGFPINFLTLYVTVQHKKLRTPLNYILLNLA
VADLFMVFGGFTTTLYTSLHGYFVFGPTGCNLEGFFATLGGEIALWSLVVLAIERYVVVCKPMSNFRFGENHAIMGVAFT
WVMALACAAPPLVGWSRYIPEGMQCSCGIDYYTPHEETNNESFVIYMFVVHFIIPLIVIFFCYGQLVFTVKEAAAQQQES
ATTQKAEKEVTRMVIIMVIAFLICWLPYAGVAFYIFTHQGSDFGPIFMTIPAFFAKTSAVYNPVIYIMMNKQFRNCMVTT
LCCGKNPLGDDEASTTVSKTETSQVAPA
;
R
#
# COMPACT_ATOMS: atom_id res chain seq x y z
N SER A 15 -1.95 34.61 15.02
CA SER A 15 -0.77 35.11 14.32
C SER A 15 -1.00 35.15 12.82
N ALA A 16 -0.22 35.98 12.13
CA ALA A 16 -0.37 36.17 10.69
C ALA A 16 0.02 34.91 9.93
N GLU A 17 1.23 34.40 10.19
CA GLU A 17 1.69 33.20 9.50
C GLU A 17 0.93 31.96 9.94
N GLU A 18 0.44 31.93 11.18
CA GLU A 18 -0.38 30.80 11.62
C GLU A 18 -1.76 30.82 10.99
N LYS A 19 -2.35 32.00 10.80
CA LYS A 19 -3.61 32.09 10.07
C LYS A 19 -3.42 31.77 8.60
N HIS A 20 -2.25 32.12 8.04
CA HIS A 20 -1.93 31.74 6.67
C HIS A 20 -1.79 30.22 6.54
N SER A 21 -1.18 29.58 7.55
CA SER A 21 -1.06 28.12 7.55
C SER A 21 -2.42 27.46 7.69
N ARG A 22 -3.31 28.03 8.51
CA ARG A 22 -4.65 27.45 8.67
C ARG A 22 -5.48 27.64 7.41
N GLU A 23 -5.32 28.78 6.72
CA GLU A 23 -6.00 28.98 5.44
C GLU A 23 -5.48 28.03 4.38
N LEU A 24 -4.17 27.78 4.38
CA LEU A 24 -3.59 26.82 3.45
C LEU A 24 -4.07 25.40 3.73
N GLU A 25 -4.20 25.04 5.01
CA GLU A 25 -4.71 23.72 5.36
C GLU A 25 -6.19 23.58 4.99
N LYS A 26 -6.97 24.65 5.13
CA LYS A 26 -8.35 24.63 4.69
C LYS A 26 -8.45 24.46 3.17
N LYS A 27 -7.55 25.13 2.43
CA LYS A 27 -7.52 24.98 0.98
C LYS A 27 -7.12 23.58 0.55
N LEU A 28 -6.17 22.97 1.27
CA LEU A 28 -5.75 21.61 0.94
C LEU A 28 -6.83 20.60 1.26
N LYS A 29 -7.54 20.78 2.38
CA LYS A 29 -8.63 19.88 2.72
C LYS A 29 -9.82 20.08 1.77
N GLU A 30 -10.02 21.29 1.25
CA GLU A 30 -11.08 21.52 0.28
C GLU A 30 -10.73 20.91 -1.07
N ASP A 31 -9.45 20.96 -1.46
CA ASP A 31 -9.00 20.31 -2.68
C ASP A 31 -8.88 18.79 -2.55
N ALA A 32 -8.88 18.28 -1.32
CA ALA A 32 -8.84 16.83 -1.12
C ALA A 32 -10.11 16.16 -1.59
N GLU A 33 -11.26 16.80 -1.39
CA GLU A 33 -12.55 16.16 -1.67
C GLU A 33 -12.85 16.13 -3.17
N LYS A 34 -12.17 16.95 -3.96
CA LYS A 34 -12.39 16.92 -5.41
C LYS A 34 -11.73 15.71 -6.04
N ASP A 35 -10.53 15.35 -5.58
CA ASP A 35 -9.79 14.23 -6.14
C ASP A 35 -9.96 12.95 -5.33
N ALA A 36 -10.60 13.03 -4.17
CA ALA A 36 -10.91 11.83 -3.39
C ALA A 36 -12.22 11.18 -3.81
N ARG A 37 -12.91 11.74 -4.81
CA ARG A 37 -14.17 11.21 -5.29
C ARG A 37 -14.09 10.60 -6.67
N THR A 38 -13.13 11.03 -7.49
CA THR A 38 -13.00 10.53 -8.84
C THR A 38 -12.41 9.13 -8.85
N VAL A 39 -12.50 8.47 -10.00
CA VAL A 39 -11.93 7.14 -10.21
C VAL A 39 -10.85 7.27 -11.27
N LYS A 40 -9.62 6.92 -10.91
CA LYS A 40 -8.49 7.04 -11.82
C LYS A 40 -8.15 5.69 -12.42
N LEU A 41 -7.85 5.69 -13.73
CA LEU A 41 -7.54 4.49 -14.47
C LEU A 41 -6.26 4.72 -15.27
N LEU A 42 -5.60 3.63 -15.65
CA LEU A 42 -4.46 3.72 -16.54
C LEU A 42 -4.62 2.70 -17.65
N LEU A 43 -4.06 3.01 -18.81
CA LEU A 43 -4.12 2.13 -19.96
C LEU A 43 -2.73 1.99 -20.56
N LEU A 44 -2.24 0.74 -20.64
CA LEU A 44 -0.90 0.50 -21.14
C LEU A 44 -0.88 0.46 -22.67
N GLY A 45 -1.58 -0.51 -23.25
CA GLY A 45 -1.82 -0.54 -24.69
C GLY A 45 -0.68 -0.93 -25.61
N ALA A 46 0.56 -0.88 -25.10
CA ALA A 46 1.79 -1.26 -25.83
C ALA A 46 1.97 -0.43 -27.11
N GLY A 47 1.63 0.85 -27.04
CA GLY A 47 1.88 1.75 -28.15
C GLY A 47 0.77 1.76 -29.18
N GLU A 48 0.97 1.07 -30.30
CA GLU A 48 -0.04 1.00 -31.36
C GLU A 48 -1.21 0.12 -30.90
N SER A 49 -2.41 0.69 -30.96
CA SER A 49 -3.61 0.06 -30.43
C SER A 49 -4.82 0.75 -31.04
N GLY A 50 -5.98 0.47 -30.48
CA GLY A 50 -7.18 1.24 -30.78
C GLY A 50 -7.44 2.24 -29.68
N LYS A 51 -6.36 2.87 -29.18
CA LYS A 51 -6.48 3.90 -28.16
C LYS A 51 -7.25 5.11 -28.68
N SER A 52 -6.94 5.53 -29.91
CA SER A 52 -7.42 6.79 -30.48
C SER A 52 -8.93 6.83 -30.72
N THR A 53 -9.63 5.71 -30.55
CA THR A 53 -11.09 5.71 -30.53
C THR A 53 -11.65 5.66 -29.11
N ILE A 54 -11.06 4.84 -28.23
CA ILE A 54 -11.59 4.73 -26.87
C ILE A 54 -11.20 5.88 -25.97
N VAL A 55 -10.24 6.72 -26.40
CA VAL A 55 -10.00 7.99 -25.73
C VAL A 55 -10.73 9.13 -26.42
N LYS A 56 -11.35 8.85 -27.57
CA LYS A 56 -12.19 9.82 -28.28
C LYS A 56 -13.67 9.59 -28.03
N GLN A 57 -14.13 8.34 -28.17
CA GLN A 57 -15.50 7.89 -27.86
C GLN A 57 -16.58 8.66 -28.61
N THR A 187 4.45 14.93 -24.22
CA THR A 187 4.94 13.56 -24.31
C THR A 187 5.22 12.98 -22.94
N GLY A 188 4.48 13.47 -21.95
CA GLY A 188 4.60 12.96 -20.59
C GLY A 188 3.50 11.98 -20.26
N ILE A 189 2.54 12.41 -19.46
CA ILE A 189 1.37 11.61 -19.09
C ILE A 189 0.16 12.26 -19.75
N ILE A 190 -0.36 11.63 -20.80
CA ILE A 190 -1.50 12.18 -21.51
C ILE A 190 -2.76 11.86 -20.72
N GLU A 191 -3.22 12.83 -19.93
CA GLU A 191 -4.40 12.64 -19.08
C GLU A 191 -5.66 13.00 -19.86
N THR A 192 -6.52 12.02 -20.06
CA THR A 192 -7.85 12.27 -20.61
C THR A 192 -8.88 12.09 -19.50
N GLN A 193 -9.95 12.87 -19.57
CA GLN A 193 -10.90 12.97 -18.46
C GLN A 193 -12.31 13.01 -19.02
N PHE A 194 -13.04 11.90 -18.89
CA PHE A 194 -14.45 11.85 -19.28
C PHE A 194 -15.28 11.39 -18.10
N SER A 195 -16.60 11.47 -18.26
CA SER A 195 -17.52 11.08 -17.21
C SER A 195 -18.77 10.50 -17.85
N PHE A 196 -19.43 9.60 -17.12
CA PHE A 196 -20.63 8.93 -17.62
C PHE A 196 -21.45 8.47 -16.43
N LYS A 197 -22.61 9.12 -16.20
CA LYS A 197 -23.62 8.73 -15.21
C LYS A 197 -23.03 8.72 -13.80
N ASP A 198 -22.68 9.93 -13.35
CA ASP A 198 -22.22 10.28 -11.99
C ASP A 198 -20.97 9.51 -11.55
N LEU A 199 -20.18 9.04 -12.51
CA LEU A 199 -18.83 8.56 -12.26
C LEU A 199 -17.87 9.34 -13.14
N ASN A 200 -16.84 9.92 -12.53
CA ASN A 200 -15.86 10.72 -13.25
C ASN A 200 -14.57 9.93 -13.38
N PHE A 201 -14.02 9.89 -14.58
CA PHE A 201 -12.86 9.07 -14.88
C PHE A 201 -11.68 9.94 -15.28
N ARG A 202 -10.48 9.44 -15.00
CA ARG A 202 -9.22 10.13 -15.32
C ARG A 202 -8.24 9.07 -15.82
N MET A 203 -8.17 8.90 -17.14
CA MET A 203 -7.24 7.94 -17.72
C MET A 203 -5.81 8.49 -17.65
N PHE A 204 -4.84 7.57 -17.66
CA PHE A 204 -3.42 7.92 -17.66
C PHE A 204 -2.75 7.11 -18.76
N ASP A 205 -2.78 7.64 -19.98
CA ASP A 205 -2.17 6.99 -21.13
C ASP A 205 -0.69 7.34 -21.11
N VAL A 206 0.11 6.46 -20.51
CA VAL A 206 1.56 6.64 -20.49
C VAL A 206 2.17 5.89 -21.68
N GLY A 207 2.71 6.64 -22.63
CA GLY A 207 3.37 6.05 -23.77
C GLY A 207 4.74 6.63 -24.03
N GLY A 208 5.00 7.82 -23.48
CA GLY A 208 6.25 8.52 -23.73
C GLY A 208 7.45 7.93 -23.03
N GLN A 209 7.23 7.10 -22.02
CA GLN A 209 8.33 6.54 -21.25
C GLN A 209 9.01 5.41 -22.03
N ARG A 210 10.11 4.91 -21.49
CA ARG A 210 10.90 3.90 -22.18
C ARG A 210 10.30 2.52 -21.94
N ASP A 211 10.99 1.49 -22.43
CA ASP A 211 10.46 0.13 -22.39
C ASP A 211 10.57 -0.47 -21.00
N GLU A 212 11.74 -0.35 -20.37
CA GLU A 212 11.88 -0.82 -19.00
C GLU A 212 11.16 0.12 -18.05
N ARG A 213 10.30 -0.46 -17.20
CA ARG A 213 9.37 0.34 -16.42
C ARG A 213 9.26 -0.15 -14.98
N ARG A 214 10.32 -0.76 -14.45
CA ARG A 214 10.29 -1.27 -13.09
C ARG A 214 10.39 -0.17 -12.04
N LYS A 215 10.75 1.04 -12.43
CA LYS A 215 11.03 2.10 -11.47
C LYS A 215 9.91 3.11 -11.31
N TRP A 216 9.04 3.27 -12.30
CA TRP A 216 7.92 4.19 -12.17
C TRP A 216 6.58 3.51 -12.06
N ILE A 217 6.52 2.17 -12.10
CA ILE A 217 5.22 1.51 -12.09
C ILE A 217 4.59 1.46 -10.70
N HIS A 218 5.35 1.73 -9.64
CA HIS A 218 4.76 1.68 -8.30
C HIS A 218 3.97 2.94 -7.95
N CYS A 219 4.01 3.99 -8.78
CA CYS A 219 3.22 5.17 -8.47
C CYS A 219 1.74 4.98 -8.81
N PHE A 220 1.39 3.92 -9.52
CA PHE A 220 0.01 3.60 -9.83
C PHE A 220 -0.57 2.54 -8.90
N GLU A 221 0.14 2.21 -7.81
CA GLU A 221 -0.38 1.28 -6.82
C GLU A 221 -1.46 1.99 -6.02
N GLY A 222 -2.72 1.79 -6.41
CA GLY A 222 -3.82 2.53 -5.85
C GLY A 222 -4.79 2.90 -6.95
N VAL A 223 -4.47 2.50 -8.17
CA VAL A 223 -5.37 2.68 -9.30
C VAL A 223 -6.56 1.72 -9.15
N THR A 224 -7.64 2.03 -9.87
CA THR A 224 -8.84 1.22 -9.77
C THR A 224 -8.76 0.00 -10.69
N ALA A 225 -8.55 0.21 -11.99
CA ALA A 225 -8.60 -0.89 -12.94
C ALA A 225 -7.70 -0.59 -14.12
N ILE A 226 -6.78 -1.52 -14.41
CA ILE A 226 -5.92 -1.40 -15.59
C ILE A 226 -6.73 -1.74 -16.84
N ILE A 227 -6.50 -1.00 -17.91
CA ILE A 227 -7.26 -1.14 -19.15
C ILE A 227 -6.28 -1.52 -20.25
N PHE A 228 -6.21 -2.80 -20.59
CA PHE A 228 -5.39 -3.21 -21.71
C PHE A 228 -6.06 -2.81 -23.03
N CYS A 229 -5.23 -2.67 -24.06
CA CYS A 229 -5.68 -2.25 -25.38
C CYS A 229 -5.04 -3.14 -26.44
N VAL A 230 -5.16 -4.46 -26.25
CA VAL A 230 -4.50 -5.41 -27.13
C VAL A 230 -5.14 -5.39 -28.51
N ALA A 231 -4.36 -4.96 -29.50
CA ALA A 231 -4.81 -5.01 -30.88
C ALA A 231 -4.83 -6.46 -31.37
N LEU A 232 -5.61 -6.70 -32.41
CA LEU A 232 -5.80 -8.05 -32.95
C LEU A 232 -5.08 -8.12 -34.29
N SER A 233 -3.79 -8.46 -34.23
CA SER A 233 -2.98 -8.63 -35.43
C SER A 233 -1.95 -9.71 -35.11
N ASP A 234 -2.25 -10.94 -35.49
CA ASP A 234 -1.35 -12.06 -35.22
C ASP A 234 -0.13 -11.98 -36.12
N TYR A 235 1.05 -11.97 -35.49
CA TYR A 235 2.40 -11.82 -36.10
C TYR A 235 2.52 -10.86 -37.28
N ARG A 247 2.70 -4.27 -30.84
CA ARG A 247 3.15 -5.63 -31.08
C ARG A 247 2.32 -6.61 -30.27
N MET A 248 1.96 -7.74 -30.89
CA MET A 248 1.13 -8.74 -30.22
C MET A 248 1.90 -9.45 -29.11
N GLN A 249 3.17 -9.80 -29.37
CA GLN A 249 3.94 -10.59 -28.42
C GLN A 249 4.35 -9.76 -27.20
N GLU A 250 4.70 -8.49 -27.42
CA GLU A 250 5.19 -7.64 -26.33
C GLU A 250 4.08 -7.28 -25.35
N SER A 251 2.82 -7.27 -25.82
CA SER A 251 1.71 -7.04 -24.90
C SER A 251 1.50 -8.24 -23.98
N MET A 252 1.76 -9.45 -24.48
CA MET A 252 1.61 -10.65 -23.65
C MET A 252 2.70 -10.73 -22.59
N ASN A 253 3.90 -10.23 -22.88
CA ASN A 253 4.96 -10.24 -21.88
C ASN A 253 4.70 -9.20 -20.79
N LEU A 254 4.01 -8.12 -21.13
CA LEU A 254 3.67 -7.11 -20.13
C LEU A 254 2.55 -7.61 -19.22
N PHE A 255 1.63 -8.41 -19.77
CA PHE A 255 0.54 -8.98 -18.97
C PHE A 255 1.05 -9.96 -17.94
N LYS A 256 2.17 -10.65 -18.22
CA LYS A 256 2.77 -11.53 -17.24
C LYS A 256 3.31 -10.75 -16.04
N SER A 257 3.90 -9.59 -16.31
CA SER A 257 4.59 -8.84 -15.25
C SER A 257 3.60 -8.21 -14.27
N ILE A 258 2.48 -7.71 -14.78
CA ILE A 258 1.52 -7.03 -13.89
C ILE A 258 0.62 -7.99 -13.14
N CYS A 259 0.60 -9.27 -13.52
CA CYS A 259 -0.21 -10.27 -12.83
C CYS A 259 0.65 -11.19 -11.96
N ASN A 260 1.82 -10.71 -11.57
CA ASN A 260 2.68 -11.47 -10.67
C ASN A 260 3.29 -10.63 -9.55
N ASN A 261 3.20 -9.30 -9.61
CA ASN A 261 3.83 -8.44 -8.64
C ASN A 261 2.85 -8.02 -7.56
N LYS A 262 3.40 -7.55 -6.44
CA LYS A 262 2.60 -7.21 -5.27
C LYS A 262 1.78 -5.94 -5.47
N TRP A 263 2.20 -5.05 -6.36
CA TRP A 263 1.51 -3.78 -6.54
C TRP A 263 0.25 -3.88 -7.38
N PHE A 264 0.02 -5.01 -8.06
CA PHE A 264 -1.16 -5.13 -8.91
C PHE A 264 -1.85 -6.49 -8.78
N THR A 265 -1.57 -7.25 -7.73
CA THR A 265 -2.20 -8.55 -7.53
C THR A 265 -3.55 -8.44 -6.84
N ASP A 266 -4.05 -7.24 -6.60
CA ASP A 266 -5.39 -7.06 -6.07
C ASP A 266 -6.28 -6.17 -6.93
N THR A 267 -5.75 -5.60 -8.01
CA THR A 267 -6.54 -4.75 -8.88
C THR A 267 -7.09 -5.56 -10.05
N SER A 268 -8.16 -5.04 -10.64
CA SER A 268 -8.78 -5.69 -11.79
C SER A 268 -8.04 -5.31 -13.07
N ILE A 269 -8.38 -6.00 -14.15
CA ILE A 269 -7.85 -5.70 -15.47
C ILE A 269 -9.02 -5.71 -16.45
N ILE A 270 -9.33 -4.55 -17.03
CA ILE A 270 -10.40 -4.44 -18.03
C ILE A 270 -9.74 -4.58 -19.38
N LEU A 271 -9.63 -5.81 -19.85
CA LEU A 271 -8.98 -6.09 -21.13
C LEU A 271 -9.90 -5.72 -22.29
N PHE A 272 -9.30 -5.31 -23.41
CA PHE A 272 -10.03 -4.95 -24.61
C PHE A 272 -9.39 -5.61 -25.83
N LEU A 273 -10.09 -6.59 -26.39
CA LEU A 273 -9.76 -7.05 -27.73
C LEU A 273 -10.28 -6.03 -28.73
N ASN A 274 -9.39 -5.49 -29.55
CA ASN A 274 -9.67 -4.30 -30.35
C ASN A 274 -9.51 -4.59 -31.84
N LYS A 275 -10.09 -3.70 -32.64
CA LYS A 275 -10.00 -3.67 -34.10
C LYS A 275 -10.50 -4.97 -34.73
N LYS A 276 -11.80 -5.22 -34.55
CA LYS A 276 -12.41 -6.48 -34.97
C LYS A 276 -12.61 -6.55 -36.48
N ASP A 277 -13.14 -5.47 -37.08
CA ASP A 277 -13.45 -5.49 -38.50
C ASP A 277 -12.20 -5.53 -39.38
N LEU A 278 -11.05 -5.11 -38.84
CA LEU A 278 -9.78 -5.42 -39.49
C LEU A 278 -9.38 -6.87 -39.25
N PHE A 279 -9.62 -7.37 -38.04
CA PHE A 279 -9.15 -8.70 -37.65
C PHE A 279 -9.95 -9.80 -38.33
N GLU A 280 -11.25 -9.56 -38.56
CA GLU A 280 -12.11 -10.57 -39.18
C GLU A 280 -11.71 -10.84 -40.62
N GLU A 281 -11.23 -9.82 -41.32
CA GLU A 281 -10.73 -10.00 -42.67
C GLU A 281 -9.25 -10.38 -42.72
N LYS A 282 -8.49 -10.08 -41.67
CA LYS A 282 -7.08 -10.43 -41.64
C LYS A 282 -6.83 -11.92 -41.41
N ILE A 283 -7.82 -12.63 -40.86
CA ILE A 283 -7.72 -14.07 -40.67
C ILE A 283 -8.73 -14.84 -41.51
N LYS A 284 -9.51 -14.16 -42.35
CA LYS A 284 -10.41 -14.85 -43.26
C LYS A 284 -9.62 -15.63 -44.32
N LYS A 285 -8.43 -15.15 -44.68
CA LYS A 285 -7.56 -15.82 -45.63
C LYS A 285 -6.29 -16.37 -45.00
N SER A 286 -5.70 -15.69 -44.01
CA SER A 286 -4.47 -16.11 -43.37
C SER A 286 -4.76 -16.51 -41.93
N PRO A 287 -4.90 -17.81 -41.63
CA PRO A 287 -5.37 -18.22 -40.29
C PRO A 287 -4.36 -18.01 -39.17
N LEU A 288 -4.78 -18.33 -37.95
CA LEU A 288 -3.88 -18.28 -36.79
C LEU A 288 -2.95 -19.48 -36.73
N THR A 289 -3.24 -20.54 -37.50
CA THR A 289 -2.47 -21.78 -37.42
C THR A 289 -1.31 -21.80 -38.41
N ASP A 290 -0.51 -20.72 -38.41
CA ASP A 290 0.74 -20.69 -39.16
C ASP A 290 1.95 -20.44 -38.28
N TYR A 291 1.89 -19.42 -37.42
CA TYR A 291 2.98 -19.17 -36.48
C TYR A 291 2.91 -20.09 -35.26
N TYR A 292 1.71 -20.41 -34.83
CA TYR A 292 1.45 -21.47 -33.85
C TYR A 292 1.19 -22.77 -34.57
N PRO A 293 1.10 -23.90 -33.84
CA PRO A 293 0.51 -25.11 -34.44
C PRO A 293 -0.99 -25.00 -34.63
N GLU A 294 -1.62 -26.09 -35.05
CA GLU A 294 -3.07 -26.12 -35.33
C GLU A 294 -3.81 -26.06 -34.00
N TYR A 295 -3.90 -24.85 -33.45
CA TYR A 295 -4.36 -24.64 -32.08
C TYR A 295 -5.85 -24.35 -32.00
N ALA A 296 -6.38 -23.55 -32.92
CA ALA A 296 -7.80 -23.16 -32.85
C ALA A 296 -8.69 -24.33 -33.25
N GLY A 297 -8.48 -24.90 -34.44
CA GLY A 297 -9.31 -25.95 -34.96
C GLY A 297 -10.31 -25.49 -35.99
N SER A 298 -10.54 -24.18 -36.11
CA SER A 298 -11.47 -23.62 -37.08
C SER A 298 -11.02 -22.19 -37.38
N ASN A 299 -11.79 -21.50 -38.22
CA ASN A 299 -11.44 -20.13 -38.62
C ASN A 299 -12.72 -19.29 -38.72
N THR A 300 -13.07 -18.64 -37.62
CA THR A 300 -14.10 -17.60 -37.58
C THR A 300 -13.55 -16.47 -36.72
N TYR A 301 -14.41 -15.53 -36.36
CA TYR A 301 -13.99 -14.44 -35.46
C TYR A 301 -14.44 -14.64 -34.03
N GLU A 302 -15.39 -15.55 -33.79
CA GLU A 302 -15.86 -15.79 -32.43
C GLU A 302 -14.86 -16.62 -31.64
N GLU A 303 -14.52 -17.81 -32.14
CA GLU A 303 -13.64 -18.71 -31.37
C GLU A 303 -12.20 -18.23 -31.42
N ALA A 304 -11.77 -17.65 -32.55
CA ALA A 304 -10.41 -17.13 -32.62
C ALA A 304 -10.25 -15.87 -31.79
N GLY A 305 -11.31 -15.06 -31.70
CA GLY A 305 -11.34 -14.00 -30.71
C GLY A 305 -11.33 -14.54 -29.29
N ASN A 306 -12.07 -15.63 -29.06
CA ASN A 306 -12.04 -16.28 -27.76
C ASN A 306 -10.75 -17.04 -27.52
N TYR A 307 -9.99 -17.35 -28.58
CA TYR A 307 -8.71 -18.00 -28.37
C TYR A 307 -7.66 -17.02 -27.87
N ILE A 308 -7.76 -15.75 -28.25
CA ILE A 308 -6.85 -14.75 -27.70
C ILE A 308 -7.21 -14.46 -26.25
N LYS A 309 -8.50 -14.58 -25.90
CA LYS A 309 -8.91 -14.40 -24.51
C LYS A 309 -8.38 -15.50 -23.61
N VAL A 310 -8.42 -16.76 -24.08
CA VAL A 310 -7.95 -17.86 -23.25
C VAL A 310 -6.43 -17.90 -23.21
N GLN A 311 -5.74 -17.25 -24.14
CA GLN A 311 -4.29 -17.12 -24.03
C GLN A 311 -3.90 -16.09 -22.96
N PHE A 312 -4.67 -15.01 -22.84
CA PHE A 312 -4.38 -14.00 -21.83
C PHE A 312 -4.82 -14.46 -20.44
N LEU A 313 -5.92 -15.20 -20.37
CA LEU A 313 -6.42 -15.72 -19.09
C LEU A 313 -5.72 -16.99 -18.65
N GLU A 314 -4.78 -17.51 -19.44
CA GLU A 314 -4.11 -18.75 -19.10
C GLU A 314 -3.11 -18.58 -17.96
N LEU A 315 -2.58 -17.37 -17.78
CA LEU A 315 -1.48 -17.14 -16.84
C LEU A 315 -1.86 -16.20 -15.72
N ASN A 316 -3.15 -15.95 -15.53
CA ASN A 316 -3.63 -15.17 -14.39
C ASN A 316 -3.69 -16.05 -13.16
N MET A 317 -3.20 -15.53 -12.03
CA MET A 317 -3.22 -16.28 -10.78
C MET A 317 -4.59 -16.24 -10.12
N ALA A 318 -5.04 -15.02 -9.76
CA ALA A 318 -6.38 -14.73 -9.25
C ALA A 318 -6.71 -15.50 -7.98
N SER A 319 -5.91 -15.25 -6.95
CA SER A 319 -6.16 -15.78 -5.61
C SER A 319 -7.01 -14.84 -4.77
N ASP A 320 -7.49 -13.74 -5.35
CA ASP A 320 -8.26 -12.72 -4.66
C ASP A 320 -9.22 -12.14 -5.70
N VAL A 321 -9.74 -10.94 -5.44
CA VAL A 321 -10.65 -10.30 -6.37
C VAL A 321 -9.80 -9.75 -7.52
N LYS A 322 -9.63 -10.56 -8.56
CA LYS A 322 -8.80 -10.21 -9.70
C LYS A 322 -9.46 -10.68 -10.99
N GLU A 323 -10.76 -10.46 -11.12
CA GLU A 323 -11.46 -10.87 -12.32
C GLU A 323 -11.08 -9.97 -13.49
N ILE A 324 -11.12 -10.54 -14.69
CA ILE A 324 -10.65 -9.88 -15.90
C ILE A 324 -11.83 -9.82 -16.86
N TYR A 325 -12.40 -8.63 -17.01
CA TYR A 325 -13.43 -8.43 -18.02
C TYR A 325 -12.79 -8.37 -19.40
N SER A 326 -13.63 -8.52 -20.42
CA SER A 326 -13.15 -8.52 -21.79
C SER A 326 -14.28 -8.06 -22.71
N HIS A 327 -13.90 -7.45 -23.83
CA HIS A 327 -14.89 -6.94 -24.77
C HIS A 327 -14.26 -6.92 -26.15
N MET A 328 -14.78 -7.74 -27.05
CA MET A 328 -14.33 -7.74 -28.44
C MET A 328 -14.88 -6.50 -29.13
N THR A 329 -14.16 -5.39 -29.05
CA THR A 329 -14.70 -4.09 -29.40
C THR A 329 -14.23 -3.64 -30.78
N CYS A 330 -15.08 -2.84 -31.41
CA CYS A 330 -14.86 -2.33 -32.75
C CYS A 330 -14.19 -0.96 -32.69
N ALA A 331 -14.17 -0.25 -33.81
CA ALA A 331 -13.68 1.12 -33.88
C ALA A 331 -14.76 2.13 -34.19
N THR A 332 -16.01 1.68 -34.37
CA THR A 332 -17.18 2.56 -34.49
C THR A 332 -18.19 2.23 -33.41
N ASP A 333 -17.70 1.86 -32.23
CA ASP A 333 -18.57 1.40 -31.15
C ASP A 333 -19.25 2.57 -30.47
N THR A 334 -20.45 2.31 -29.95
CA THR A 334 -21.21 3.29 -29.19
C THR A 334 -21.49 2.88 -27.76
N GLN A 335 -21.29 1.60 -27.41
CA GLN A 335 -21.48 1.11 -26.06
C GLN A 335 -20.16 0.74 -25.39
N ASN A 336 -19.05 1.28 -25.91
CA ASN A 336 -17.74 0.95 -25.35
C ASN A 336 -17.55 1.61 -24.00
N VAL A 337 -17.95 2.88 -23.87
CA VAL A 337 -17.84 3.57 -22.59
C VAL A 337 -18.91 3.10 -21.61
N LYS A 338 -19.97 2.46 -22.08
CA LYS A 338 -20.91 1.82 -21.17
C LYS A 338 -20.31 0.56 -20.56
N PHE A 339 -19.46 -0.14 -21.32
CA PHE A 339 -18.84 -1.34 -20.78
C PHE A 339 -17.79 -1.01 -19.73
N VAL A 340 -17.04 0.09 -19.92
CA VAL A 340 -16.08 0.48 -18.92
C VAL A 340 -16.79 1.12 -17.72
N PHE A 341 -18.03 1.58 -17.89
CA PHE A 341 -18.81 2.04 -16.76
C PHE A 341 -19.43 0.87 -16.02
N ASP A 342 -19.95 -0.12 -16.75
CA ASP A 342 -20.56 -1.29 -16.12
C ASP A 342 -19.53 -2.17 -15.43
N ALA A 343 -18.30 -2.18 -15.94
CA ALA A 343 -17.25 -2.95 -15.30
C ALA A 343 -16.80 -2.29 -13.99
N VAL A 344 -16.53 -0.98 -14.03
CA VAL A 344 -15.94 -0.31 -12.89
C VAL A 344 -16.92 -0.14 -11.74
N THR A 345 -18.24 -0.18 -12.01
CA THR A 345 -19.20 -0.20 -10.92
C THR A 345 -19.19 -1.54 -10.19
N ASP A 346 -18.88 -2.62 -10.92
CA ASP A 346 -18.77 -3.93 -10.29
C ASP A 346 -17.52 -3.99 -9.43
N ILE A 347 -16.43 -3.36 -9.88
CA ILE A 347 -15.20 -3.32 -9.09
C ILE A 347 -15.38 -2.43 -7.86
N ILE A 348 -16.14 -1.34 -8.01
CA ILE A 348 -16.40 -0.45 -6.87
C ILE A 348 -17.29 -1.15 -5.84
N ILE A 349 -18.22 -1.97 -6.31
CA ILE A 349 -19.08 -2.74 -5.40
C ILE A 349 -18.26 -3.76 -4.61
N LYS A 350 -17.32 -4.45 -5.29
CA LYS A 350 -16.53 -5.48 -4.64
C LYS A 350 -15.60 -4.93 -3.58
N GLU A 351 -15.06 -3.72 -3.77
CA GLU A 351 -14.20 -3.16 -2.74
C GLU A 351 -15.01 -2.52 -1.63
N ASN A 352 -16.18 -1.95 -1.93
CA ASN A 352 -17.05 -1.40 -0.89
C ASN A 352 -17.66 -2.50 -0.04
N LEU A 353 -17.99 -3.64 -0.65
CA LEU A 353 -18.32 -4.84 0.11
C LEU A 353 -17.14 -5.29 0.96
N LYS A 354 -15.92 -5.16 0.42
CA LYS A 354 -14.73 -5.45 1.21
C LYS A 354 -14.43 -4.35 2.22
N ASP A 355 -14.84 -3.11 1.94
CA ASP A 355 -14.56 -2.01 2.86
C ASP A 355 -15.44 -2.09 4.09
N CYS A 356 -16.72 -2.43 3.90
CA CYS A 356 -17.57 -2.74 5.05
C CYS A 356 -17.14 -4.04 5.71
N GLY A 357 -16.64 -4.99 4.92
CA GLY A 357 -16.03 -6.20 5.43
C GLY A 357 -16.74 -7.47 5.01
N LEU A 358 -18.07 -7.45 5.00
CA LEU A 358 -18.86 -8.61 4.60
C LEU A 358 -18.67 -8.90 3.11
N PHE A 359 -18.06 -10.03 2.81
CA PHE A 359 -17.76 -10.42 1.44
C PHE A 359 -17.70 -11.94 1.32
N LEU B 4 28.88 -6.46 -33.19
CA LEU B 4 30.13 -7.01 -33.72
C LEU B 4 30.85 -7.77 -32.62
N ASP B 5 31.70 -8.74 -33.01
CA ASP B 5 32.37 -9.61 -32.07
C ASP B 5 33.69 -9.01 -31.59
N GLN B 6 34.45 -8.38 -32.49
CA GLN B 6 35.82 -7.98 -32.17
C GLN B 6 35.88 -6.83 -31.18
N LEU B 7 34.98 -5.85 -31.33
CA LEU B 7 35.00 -4.70 -30.42
C LEU B 7 34.47 -5.08 -29.03
N ARG B 8 33.49 -5.98 -28.96
CA ARG B 8 33.03 -6.44 -27.65
C ARG B 8 34.06 -7.35 -26.99
N GLN B 9 34.84 -8.10 -27.78
CA GLN B 9 35.92 -8.90 -27.21
C GLN B 9 37.04 -8.01 -26.67
N GLU B 10 37.38 -6.95 -27.42
CA GLU B 10 38.32 -5.95 -26.93
C GLU B 10 37.81 -5.27 -25.66
N ALA B 11 36.49 -5.00 -25.61
CA ALA B 11 35.88 -4.36 -24.45
C ALA B 11 35.96 -5.24 -23.21
N GLU B 12 35.65 -6.53 -23.35
CA GLU B 12 35.73 -7.40 -22.17
C GLU B 12 37.16 -7.73 -21.80
N GLN B 13 38.09 -7.70 -22.77
CA GLN B 13 39.50 -7.87 -22.45
C GLN B 13 40.03 -6.70 -21.63
N LEU B 14 39.73 -5.47 -22.04
CA LEU B 14 40.14 -4.32 -21.23
C LEU B 14 39.33 -4.21 -19.94
N LYS B 15 38.13 -4.80 -19.89
CA LYS B 15 37.40 -4.88 -18.63
C LYS B 15 38.10 -5.81 -17.65
N ASN B 16 38.63 -6.93 -18.14
CA ASN B 16 39.43 -7.79 -17.26
C ASN B 16 40.76 -7.14 -16.89
N GLN B 17 41.28 -6.27 -17.77
CA GLN B 17 42.46 -5.49 -17.42
C GLN B 17 42.15 -4.49 -16.29
N ILE B 18 41.00 -3.82 -16.37
CA ILE B 18 40.55 -2.92 -15.30
C ILE B 18 40.33 -3.70 -14.01
N ARG B 19 39.78 -4.92 -14.11
CA ARG B 19 39.56 -5.75 -12.93
C ARG B 19 40.87 -6.19 -12.28
N ASP B 20 41.89 -6.49 -13.10
CA ASP B 20 43.20 -6.83 -12.54
C ASP B 20 43.89 -5.61 -11.93
N ALA B 21 43.71 -4.44 -12.55
CA ALA B 21 44.29 -3.21 -12.00
C ALA B 21 43.63 -2.83 -10.68
N ARG B 22 42.34 -3.10 -10.55
CA ARG B 22 41.67 -2.88 -9.27
C ARG B 22 42.00 -3.96 -8.26
N LYS B 23 42.35 -5.17 -8.73
CA LYS B 23 42.83 -6.22 -7.86
C LYS B 23 44.18 -5.85 -7.25
N ALA B 24 45.03 -5.16 -8.02
CA ALA B 24 46.40 -4.90 -7.58
C ALA B 24 46.48 -3.92 -6.41
N CYS B 25 45.46 -3.09 -6.20
CA CYS B 25 45.52 -2.06 -5.16
C CYS B 25 44.83 -2.47 -3.87
N ALA B 26 43.78 -3.30 -3.94
CA ALA B 26 42.99 -3.63 -2.76
C ALA B 26 43.74 -4.57 -1.82
N ASP B 27 44.42 -4.01 -0.83
CA ASP B 27 45.09 -4.80 0.20
C ASP B 27 44.26 -4.92 1.47
N ALA B 28 43.54 -3.86 1.84
CA ALA B 28 42.77 -3.85 3.08
C ALA B 28 41.67 -2.81 2.95
N THR B 29 40.47 -3.16 3.40
CA THR B 29 39.32 -2.27 3.33
C THR B 29 39.34 -1.30 4.52
N LEU B 30 38.23 -0.57 4.72
CA LEU B 30 38.13 0.34 5.84
C LEU B 30 38.05 -0.40 7.18
N SER B 31 37.37 -1.54 7.20
CA SER B 31 37.20 -2.31 8.44
C SER B 31 38.45 -3.09 8.83
N GLN B 32 39.54 -3.01 8.06
CA GLN B 32 40.81 -3.59 8.46
C GLN B 32 41.75 -2.57 9.09
N ILE B 33 41.58 -1.29 8.82
CA ILE B 33 42.42 -0.25 9.39
C ILE B 33 41.69 0.60 10.42
N THR B 34 40.35 0.53 10.49
CA THR B 34 39.61 1.26 11.50
C THR B 34 39.59 0.58 12.85
N ASN B 35 40.22 -0.60 12.98
CA ASN B 35 40.03 -1.50 14.11
C ASN B 35 40.68 -1.03 15.42
N ASN B 36 41.22 0.20 15.46
CA ASN B 36 41.78 0.76 16.68
C ASN B 36 41.12 2.08 17.05
N ILE B 37 39.83 2.23 16.76
CA ILE B 37 39.08 3.42 17.12
C ILE B 37 37.97 3.04 18.09
N ASP B 38 37.32 4.06 18.65
CA ASP B 38 36.16 3.89 19.52
C ASP B 38 34.89 3.77 18.69
N PRO B 39 33.95 2.93 19.09
CA PRO B 39 32.67 2.86 18.37
C PRO B 39 31.76 4.02 18.75
N VAL B 40 30.67 4.15 17.99
CA VAL B 40 29.73 5.23 18.23
C VAL B 40 28.82 4.90 19.41
N GLY B 41 28.22 3.72 19.40
CA GLY B 41 27.27 3.38 20.43
C GLY B 41 25.83 3.51 19.95
N ARG B 42 24.94 2.78 20.60
CA ARG B 42 23.54 2.72 20.20
C ARG B 42 22.85 4.03 20.52
N ILE B 43 22.66 4.87 19.51
CA ILE B 43 21.94 6.13 19.69
C ILE B 43 20.44 5.86 19.61
N GLN B 44 19.67 6.72 20.27
CA GLN B 44 18.21 6.62 20.27
C GLN B 44 17.66 8.04 20.15
N MET B 45 17.42 8.47 18.92
CA MET B 45 16.88 9.79 18.65
C MET B 45 15.39 9.66 18.30
N ARG B 46 14.55 10.42 19.00
CA ARG B 46 13.11 10.40 18.79
C ARG B 46 12.70 11.56 17.89
N THR B 47 11.44 11.52 17.45
CA THR B 47 10.92 12.58 16.61
C THR B 47 10.67 13.83 17.43
N ARG B 48 10.58 14.95 16.74
CA ARG B 48 10.25 16.21 17.38
C ARG B 48 9.01 16.85 16.78
N ARG B 49 8.88 16.82 15.45
CA ARG B 49 7.75 17.44 14.74
C ARG B 49 7.14 16.40 13.81
N THR B 50 6.17 15.63 14.32
CA THR B 50 5.36 14.80 13.45
C THR B 50 4.48 15.71 12.62
N LEU B 51 4.84 15.87 11.34
CA LEU B 51 4.35 16.95 10.52
C LEU B 51 3.33 16.39 9.52
N ARG B 52 2.08 16.83 9.63
CA ARG B 52 0.99 16.36 8.79
C ARG B 52 0.55 17.47 7.84
N GLY B 53 -0.22 17.07 6.83
CA GLY B 53 -0.71 18.02 5.85
C GLY B 53 -0.82 17.44 4.45
N HIS B 54 -0.31 16.22 4.26
CA HIS B 54 -0.42 15.52 3.00
C HIS B 54 -1.58 14.53 3.05
N LEU B 55 -2.03 14.13 1.86
CA LEU B 55 -3.12 13.17 1.74
C LEU B 55 -2.79 12.01 0.81
N ALA B 56 -1.65 12.05 0.12
CA ALA B 56 -1.17 10.97 -0.71
C ALA B 56 0.26 10.64 -0.29
N LYS B 57 0.86 9.68 -0.99
CA LYS B 57 2.25 9.33 -0.71
C LYS B 57 3.17 10.40 -1.25
N ILE B 58 4.24 10.70 -0.50
CA ILE B 58 5.21 11.71 -0.91
C ILE B 58 6.46 10.99 -1.42
N TYR B 59 7.26 11.71 -2.19
CA TYR B 59 8.36 11.06 -2.89
C TYR B 59 9.73 11.63 -2.55
N ALA B 60 9.86 12.94 -2.42
CA ALA B 60 11.17 13.52 -2.15
C ALA B 60 11.04 14.76 -1.28
N MET B 61 12.17 15.19 -0.74
CA MET B 61 12.25 16.43 0.02
C MET B 61 13.64 17.01 -0.15
N HIS B 62 13.81 18.25 0.31
CA HIS B 62 15.11 18.89 0.35
C HIS B 62 15.06 20.03 1.37
N TRP B 63 16.03 20.06 2.27
CA TRP B 63 16.14 21.15 3.22
C TRP B 63 16.58 22.43 2.51
N GLY B 64 16.27 23.55 3.14
CA GLY B 64 16.85 24.82 2.72
C GLY B 64 18.29 24.95 3.20
N THR B 65 18.95 25.99 2.70
CA THR B 65 20.33 26.22 3.11
C THR B 65 20.41 26.76 4.52
N ASP B 66 19.38 27.49 4.96
CA ASP B 66 19.33 28.06 6.30
C ASP B 66 18.86 27.06 7.36
N SER B 67 18.68 25.79 6.98
CA SER B 67 18.33 24.67 7.86
C SER B 67 16.99 24.87 8.57
N ARG B 68 16.10 25.69 8.01
CA ARG B 68 14.80 25.95 8.61
C ARG B 68 13.65 25.54 7.70
N LEU B 69 13.68 25.93 6.43
CA LEU B 69 12.57 25.70 5.52
C LEU B 69 12.68 24.34 4.87
N LEU B 70 11.61 23.56 4.95
CA LEU B 70 11.52 22.24 4.35
C LEU B 70 10.66 22.29 3.09
N LEU B 71 10.80 21.28 2.24
CA LEU B 71 10.00 21.19 1.03
C LEU B 71 9.46 19.77 0.94
N SER B 72 8.32 19.61 0.27
CA SER B 72 7.76 18.28 0.09
C SER B 72 6.91 18.23 -1.17
N ALA B 73 6.97 17.08 -1.84
CA ALA B 73 6.23 16.82 -3.06
C ALA B 73 5.60 15.45 -3.00
N SER B 74 4.35 15.35 -3.44
CA SER B 74 3.55 14.14 -3.29
C SER B 74 2.71 13.93 -4.54
N GLN B 75 1.82 12.95 -4.49
CA GLN B 75 1.07 12.53 -5.67
C GLN B 75 -0.16 13.36 -5.92
N ASP B 76 -0.72 14.00 -4.90
CA ASP B 76 -1.59 15.13 -5.15
C ASP B 76 -0.77 16.30 -5.64
N GLY B 77 -1.41 17.23 -6.32
CA GLY B 77 -0.68 18.35 -6.89
C GLY B 77 -0.23 19.37 -5.86
N LYS B 78 0.72 18.98 -5.00
CA LYS B 78 1.18 19.82 -3.90
C LYS B 78 2.70 19.91 -3.94
N LEU B 79 3.21 21.13 -3.78
CA LEU B 79 4.65 21.39 -3.76
C LEU B 79 4.97 22.19 -2.48
N ILE B 80 4.56 21.63 -1.35
CA ILE B 80 4.39 22.41 -0.13
C ILE B 80 5.74 22.72 0.52
N ILE B 81 5.96 24.00 0.83
CA ILE B 81 7.13 24.45 1.57
C ILE B 81 6.71 24.73 3.00
N TRP B 82 7.31 24.01 3.93
CA TRP B 82 7.01 24.09 5.35
C TRP B 82 8.07 24.92 6.07
N ASP B 83 7.69 25.43 7.24
CA ASP B 83 8.64 25.89 8.24
C ASP B 83 8.77 24.80 9.29
N SER B 84 9.98 24.29 9.49
CA SER B 84 10.21 23.17 10.38
C SER B 84 10.49 23.59 11.81
N TYR B 85 10.03 24.77 12.22
CA TYR B 85 10.19 25.23 13.59
C TYR B 85 8.89 25.23 14.37
N THR B 86 7.80 25.69 13.76
CA THR B 86 6.48 25.68 14.39
C THR B 86 5.45 24.97 13.55
N THR B 87 5.90 24.12 12.60
CA THR B 87 5.06 23.27 11.73
C THR B 87 4.04 24.08 10.93
N ASN B 88 4.40 25.29 10.52
CA ASN B 88 3.54 26.05 9.63
C ASN B 88 3.69 25.55 8.21
N LYS B 89 2.82 26.04 7.34
CA LYS B 89 2.92 25.81 5.90
C LYS B 89 3.17 27.17 5.25
N VAL B 90 4.42 27.41 4.87
CA VAL B 90 4.80 28.71 4.33
C VAL B 90 4.24 28.89 2.92
N HIS B 91 4.33 27.86 2.10
CA HIS B 91 3.72 27.88 0.78
C HIS B 91 3.12 26.53 0.48
N ALA B 92 2.13 26.51 -0.42
CA ALA B 92 1.55 25.25 -0.89
C ALA B 92 1.22 25.44 -2.36
N ILE B 93 2.10 25.00 -3.24
CA ILE B 93 1.99 25.28 -4.66
C ILE B 93 1.15 24.20 -5.32
N PRO B 94 0.07 24.56 -6.02
CA PRO B 94 -0.59 23.61 -6.91
C PRO B 94 0.07 23.56 -8.27
N LEU B 95 0.69 22.45 -8.61
CA LEU B 95 1.43 22.32 -9.86
C LEU B 95 0.59 21.60 -10.91
N ARG B 96 1.12 21.58 -12.14
CA ARG B 96 0.33 21.12 -13.29
C ARG B 96 0.13 19.61 -13.24
N SER B 97 1.22 18.85 -13.32
CA SER B 97 1.14 17.40 -13.23
C SER B 97 0.98 16.98 -11.79
N SER B 98 0.02 16.09 -11.53
CA SER B 98 -0.12 15.53 -10.19
C SER B 98 1.04 14.59 -9.87
N TRP B 99 1.59 13.93 -10.87
CA TRP B 99 2.68 12.99 -10.67
C TRP B 99 3.99 13.74 -10.55
N VAL B 100 4.66 13.59 -9.42
CA VAL B 100 6.01 14.09 -9.23
C VAL B 100 6.92 12.91 -8.94
N MET B 101 8.21 13.15 -8.99
CA MET B 101 9.22 12.19 -8.55
C MET B 101 10.30 12.80 -7.69
N THR B 102 10.52 14.12 -7.75
CA THR B 102 11.62 14.75 -7.03
C THR B 102 11.29 16.21 -6.81
N CYS B 103 12.15 16.86 -6.03
CA CYS B 103 12.07 18.29 -5.77
C CYS B 103 13.41 18.74 -5.22
N ALA B 104 13.60 20.05 -5.14
CA ALA B 104 14.86 20.62 -4.67
C ALA B 104 14.61 22.02 -4.14
N TYR B 105 15.50 22.46 -3.26
CA TYR B 105 15.53 23.82 -2.75
C TYR B 105 16.83 24.47 -3.17
N ALA B 106 16.76 25.70 -3.67
CA ALA B 106 17.92 26.38 -4.21
C ALA B 106 18.91 26.75 -3.11
N PRO B 107 20.21 26.79 -3.42
CA PRO B 107 21.19 27.21 -2.39
C PRO B 107 21.11 28.68 -2.06
N SER B 108 20.54 29.50 -2.93
CA SER B 108 20.28 30.91 -2.60
C SER B 108 18.97 31.10 -1.86
N GLY B 109 18.25 30.01 -1.56
CA GLY B 109 17.02 30.08 -0.81
C GLY B 109 15.86 30.76 -1.52
N ASN B 110 15.91 30.89 -2.84
CA ASN B 110 14.98 31.73 -3.56
C ASN B 110 14.10 30.99 -4.56
N TYR B 111 14.60 29.93 -5.19
CA TYR B 111 13.84 29.21 -6.20
C TYR B 111 13.50 27.80 -5.71
N VAL B 112 12.57 27.15 -6.41
CA VAL B 112 12.16 25.79 -6.08
C VAL B 112 12.10 24.98 -7.38
N ALA B 113 12.83 23.88 -7.44
CA ALA B 113 12.74 22.99 -8.59
C ALA B 113 11.85 21.80 -8.27
N CYS B 114 11.13 21.33 -9.28
CA CYS B 114 10.34 20.12 -9.14
C CYS B 114 10.30 19.40 -10.48
N GLY B 115 9.75 18.20 -10.46
CA GLY B 115 9.64 17.41 -11.67
C GLY B 115 9.16 16.00 -11.39
N GLY B 116 8.73 15.30 -12.41
CA GLY B 116 8.25 13.93 -12.27
C GLY B 116 8.32 13.20 -13.57
N LEU B 117 7.32 12.35 -13.82
CA LEU B 117 7.20 11.66 -15.09
C LEU B 117 6.31 12.42 -16.08
N ASP B 118 6.24 13.75 -15.93
CA ASP B 118 5.78 14.64 -16.98
C ASP B 118 6.93 15.09 -17.88
N ASN B 119 8.14 14.55 -17.64
CA ASN B 119 9.35 14.80 -18.42
C ASN B 119 9.77 16.26 -18.42
N ILE B 120 9.42 17.00 -17.37
CA ILE B 120 9.67 18.44 -17.29
C ILE B 120 10.12 18.79 -15.88
N CYS B 121 11.30 19.40 -15.75
CA CYS B 121 11.70 20.04 -14.51
C CYS B 121 11.25 21.50 -14.56
N SER B 122 10.45 21.90 -13.57
CA SER B 122 9.87 23.22 -13.53
C SER B 122 10.42 24.01 -12.35
N ILE B 123 10.61 25.31 -12.57
CA ILE B 123 11.22 26.19 -11.59
C ILE B 123 10.18 27.20 -11.12
N TYR B 124 9.93 27.24 -9.82
CA TYR B 124 9.00 28.15 -9.21
C TYR B 124 9.75 29.28 -8.50
N ASN B 125 9.35 30.51 -8.79
CA ASN B 125 10.00 31.71 -8.27
C ASN B 125 9.40 32.04 -6.91
N LEU B 126 9.97 31.41 -5.88
CA LEU B 126 9.44 31.54 -4.53
C LEU B 126 9.77 32.91 -3.95
N LYS B 127 8.83 33.43 -3.14
CA LYS B 127 8.85 34.74 -2.45
C LYS B 127 9.33 35.88 -3.35
N THR B 128 8.54 36.13 -4.40
CA THR B 128 8.87 37.14 -5.40
C THR B 128 8.05 38.41 -5.22
N ARG B 129 6.73 38.28 -5.17
CA ARG B 129 5.83 39.43 -5.17
C ARG B 129 4.59 39.01 -4.38
N GLU B 130 3.49 39.74 -4.50
CA GLU B 130 2.30 39.55 -3.66
C GLU B 130 1.60 38.25 -4.04
N GLY B 131 2.06 37.16 -3.45
CA GLY B 131 1.49 35.85 -3.71
C GLY B 131 1.73 35.32 -5.09
N ASN B 132 2.77 35.80 -5.78
CA ASN B 132 3.05 35.38 -7.15
C ASN B 132 3.93 34.14 -7.19
N VAL B 133 3.49 33.06 -6.53
CA VAL B 133 4.22 31.81 -6.60
C VAL B 133 3.84 31.11 -7.91
N ARG B 134 4.64 31.37 -8.94
CA ARG B 134 4.35 30.96 -10.30
C ARG B 134 5.51 30.13 -10.84
N VAL B 135 5.23 29.35 -11.88
CA VAL B 135 6.30 28.65 -12.56
C VAL B 135 7.09 29.65 -13.39
N SER B 136 8.39 29.74 -13.13
CA SER B 136 9.23 30.66 -13.88
C SER B 136 9.57 30.08 -15.25
N ARG B 137 10.24 28.94 -15.28
CA ARG B 137 10.57 28.25 -16.52
C ARG B 137 10.19 26.78 -16.40
N GLU B 138 9.97 26.17 -17.56
CA GLU B 138 9.81 24.72 -17.69
C GLU B 138 10.87 24.23 -18.65
N LEU B 139 11.62 23.20 -18.25
CA LEU B 139 12.76 22.73 -19.02
C LEU B 139 12.32 21.57 -19.90
N ALA B 140 11.81 21.90 -21.08
CA ALA B 140 11.36 20.92 -22.05
C ALA B 140 12.56 20.44 -22.87
N GLY B 141 12.31 19.62 -23.88
CA GLY B 141 13.40 19.03 -24.63
C GLY B 141 14.08 17.92 -23.88
N HIS B 142 13.32 17.01 -23.27
CA HIS B 142 13.89 16.00 -22.38
C HIS B 142 12.94 14.81 -22.41
N THR B 143 13.29 13.79 -23.19
CA THR B 143 12.47 12.60 -23.32
C THR B 143 12.62 11.72 -22.09
N GLY B 144 11.57 10.98 -21.75
CA GLY B 144 11.61 10.07 -20.63
C GLY B 144 11.40 10.77 -19.30
N TYR B 145 11.12 9.95 -18.29
CA TYR B 145 10.76 10.49 -16.99
C TYR B 145 11.99 11.04 -16.27
N LEU B 146 11.74 11.80 -15.22
CA LEU B 146 12.77 12.56 -14.52
C LEU B 146 12.76 12.16 -13.06
N SER B 147 13.96 12.07 -12.46
CA SER B 147 14.09 11.49 -11.13
C SER B 147 14.81 12.36 -10.11
N CYS B 148 15.60 13.35 -10.51
CA CYS B 148 16.31 14.20 -9.55
C CYS B 148 16.73 15.50 -10.23
N CYS B 149 16.18 16.63 -9.77
CA CYS B 149 16.68 17.95 -10.12
C CYS B 149 17.52 18.48 -8.96
N ARG B 150 18.66 19.10 -9.28
CA ARG B 150 19.55 19.69 -8.27
C ARG B 150 20.16 20.97 -8.81
N PHE B 151 20.09 22.05 -8.03
CA PHE B 151 20.77 23.29 -8.38
C PHE B 151 22.24 23.22 -8.00
N LEU B 152 23.11 23.64 -8.91
CA LEU B 152 24.49 23.93 -8.57
C LEU B 152 24.74 25.42 -8.43
N ASP B 153 23.72 26.24 -8.69
CA ASP B 153 23.79 27.70 -8.67
C ASP B 153 22.35 28.19 -8.64
N ASP B 154 22.18 29.51 -8.69
CA ASP B 154 20.85 30.07 -8.87
C ASP B 154 20.47 30.19 -10.34
N ASN B 155 21.31 29.67 -11.25
CA ASN B 155 21.09 29.78 -12.68
C ASN B 155 21.32 28.48 -13.44
N GLN B 156 21.88 27.45 -12.80
CA GLN B 156 22.19 26.20 -13.48
C GLN B 156 21.67 25.02 -12.68
N ILE B 157 21.01 24.09 -13.36
CA ILE B 157 20.45 22.88 -12.76
C ILE B 157 21.09 21.67 -13.44
N VAL B 158 21.24 20.59 -12.70
CA VAL B 158 21.62 19.29 -13.26
C VAL B 158 20.50 18.29 -12.95
N THR B 159 19.87 17.76 -14.00
CA THR B 159 18.72 16.89 -13.87
C THR B 159 18.99 15.52 -14.48
N SER B 160 18.49 14.49 -13.80
CA SER B 160 18.60 13.12 -14.27
C SER B 160 17.57 12.86 -15.37
N SER B 161 17.44 11.61 -15.80
CA SER B 161 16.62 11.31 -16.96
C SER B 161 16.10 9.89 -16.89
N GLY B 162 15.18 9.58 -17.81
CA GLY B 162 14.78 8.23 -18.08
C GLY B 162 15.58 7.68 -19.25
N ASP B 163 15.96 8.55 -20.19
CA ASP B 163 16.79 8.12 -21.31
C ASP B 163 18.27 8.33 -21.04
N THR B 164 18.71 7.86 -19.87
CA THR B 164 20.12 7.62 -19.51
C THR B 164 21.01 8.86 -19.59
N THR B 165 20.48 10.07 -19.41
CA THR B 165 21.33 11.26 -19.39
C THR B 165 21.28 11.93 -18.02
N CYS B 166 22.17 12.90 -17.83
CA CYS B 166 22.32 13.63 -16.58
C CYS B 166 22.47 15.12 -16.88
N ALA B 167 21.56 15.64 -17.69
CA ALA B 167 21.81 16.86 -18.47
C ALA B 167 21.86 18.11 -17.58
N LEU B 168 22.40 19.18 -18.16
CA LEU B 168 22.58 20.46 -17.48
C LEU B 168 21.71 21.50 -18.16
N TRP B 169 21.21 22.44 -17.36
CA TRP B 169 20.25 23.43 -17.82
C TRP B 169 20.63 24.81 -17.32
N ASP B 170 20.49 25.80 -18.20
CA ASP B 170 20.65 27.21 -17.86
C ASP B 170 19.25 27.82 -17.80
N ILE B 171 18.88 28.35 -16.65
CA ILE B 171 17.49 28.78 -16.42
C ILE B 171 17.21 30.10 -17.13
N GLU B 172 18.26 30.84 -17.48
CA GLU B 172 18.08 32.15 -18.11
C GLU B 172 17.49 32.05 -19.51
N THR B 173 17.81 30.98 -20.25
CA THR B 173 17.21 30.76 -21.55
C THR B 173 16.48 29.43 -21.68
N GLY B 174 16.52 28.59 -20.64
CA GLY B 174 15.86 27.30 -20.68
C GLY B 174 16.54 26.24 -21.52
N GLN B 175 17.67 26.56 -22.16
CA GLN B 175 18.30 25.64 -23.08
C GLN B 175 19.20 24.66 -22.35
N GLN B 176 19.05 23.38 -22.71
CA GLN B 176 19.95 22.33 -22.23
C GLN B 176 21.31 22.54 -22.87
N THR B 177 22.29 22.98 -22.07
CA THR B 177 23.60 23.29 -22.63
C THR B 177 24.40 22.02 -22.91
N THR B 178 24.68 21.25 -21.86
CA THR B 178 25.42 20.00 -21.99
C THR B 178 24.55 18.82 -21.60
N THR B 179 24.81 17.68 -22.24
CA THR B 179 24.12 16.43 -21.92
C THR B 179 25.16 15.39 -21.56
N PHE B 180 24.91 14.67 -20.47
CA PHE B 180 25.88 13.69 -19.95
C PHE B 180 25.41 12.28 -20.30
N THR B 181 25.59 11.93 -21.57
CA THR B 181 25.26 10.60 -22.03
C THR B 181 26.36 9.62 -21.64
N GLY B 182 26.00 8.34 -21.59
CA GLY B 182 26.97 7.31 -21.27
C GLY B 182 26.42 6.19 -20.42
N HIS B 183 25.23 6.38 -19.85
CA HIS B 183 24.59 5.33 -19.08
C HIS B 183 23.79 4.41 -19.99
N THR B 184 23.45 3.24 -19.45
CA THR B 184 22.60 2.27 -20.15
C THR B 184 21.21 2.17 -19.54
N GLY B 185 21.10 2.27 -18.22
CA GLY B 185 19.81 2.35 -17.56
C GLY B 185 19.48 3.79 -17.16
N ASP B 186 18.25 3.98 -16.71
CA ASP B 186 17.80 5.31 -16.32
C ASP B 186 18.44 5.75 -15.01
N VAL B 187 18.81 7.02 -14.96
CA VAL B 187 19.52 7.59 -13.83
C VAL B 187 18.52 7.98 -12.75
N MET B 188 18.79 7.56 -11.51
CA MET B 188 17.81 7.70 -10.44
C MET B 188 18.09 8.85 -9.48
N SER B 189 19.35 9.25 -9.30
CA SER B 189 19.65 10.28 -8.30
C SER B 189 20.98 10.96 -8.63
N LEU B 190 21.19 12.10 -7.99
CA LEU B 190 22.42 12.87 -8.11
C LEU B 190 22.87 13.31 -6.72
N SER B 191 24.12 13.79 -6.66
CA SER B 191 24.67 14.38 -5.45
C SER B 191 25.83 15.28 -5.85
N LEU B 192 25.62 16.59 -5.75
CA LEU B 192 26.66 17.54 -6.15
C LEU B 192 27.74 17.62 -5.08
N ALA B 193 28.97 17.82 -5.52
CA ALA B 193 30.10 17.92 -4.63
C ALA B 193 30.13 19.31 -3.96
N PRO B 194 30.82 19.43 -2.82
CA PRO B 194 31.10 20.77 -2.28
C PRO B 194 32.02 21.60 -3.15
N ASP B 195 32.80 20.95 -4.03
CA ASP B 195 33.58 21.69 -5.03
C ASP B 195 32.66 22.35 -6.05
N THR B 196 31.47 21.77 -6.28
CA THR B 196 30.50 22.18 -7.31
C THR B 196 31.11 22.17 -8.71
N ARG B 197 32.04 21.26 -8.94
CA ARG B 197 32.58 20.97 -10.26
C ARG B 197 32.41 19.52 -10.66
N LEU B 198 32.50 18.60 -9.71
CA LEU B 198 32.23 17.18 -9.93
C LEU B 198 30.83 16.86 -9.42
N PHE B 199 30.21 15.85 -10.01
CA PHE B 199 29.02 15.25 -9.44
C PHE B 199 28.94 13.80 -9.86
N VAL B 200 28.50 12.94 -8.95
CA VAL B 200 28.36 11.53 -9.21
C VAL B 200 26.87 11.22 -9.34
N SER B 201 26.54 10.31 -10.25
CA SER B 201 25.16 9.94 -10.54
C SER B 201 25.03 8.43 -10.60
N GLY B 202 23.98 7.90 -9.97
CA GLY B 202 23.71 6.47 -9.98
C GLY B 202 22.52 6.17 -10.85
N ALA B 203 22.53 4.97 -11.44
CA ALA B 203 21.51 4.58 -12.40
C ALA B 203 21.09 3.14 -12.12
N CYS B 204 20.39 2.54 -13.09
CA CYS B 204 19.81 1.22 -12.94
C CYS B 204 20.62 0.15 -13.68
N ASP B 205 21.94 0.26 -13.66
CA ASP B 205 22.79 -0.77 -14.24
C ASP B 205 23.97 -1.09 -13.33
N ALA B 206 23.78 -0.89 -12.02
CA ALA B 206 24.76 -1.20 -10.97
C ALA B 206 26.09 -0.48 -11.18
N SER B 207 26.02 0.78 -11.62
CA SER B 207 27.22 1.53 -11.95
C SER B 207 26.97 3.01 -11.70
N ALA B 208 27.78 3.61 -10.84
CA ALA B 208 27.77 5.06 -10.64
C ALA B 208 28.79 5.70 -11.56
N LYS B 209 28.58 6.97 -11.89
CA LYS B 209 29.47 7.68 -12.80
C LYS B 209 29.81 9.05 -12.22
N LEU B 210 31.10 9.34 -12.12
CA LEU B 210 31.58 10.63 -11.63
C LEU B 210 31.85 11.54 -12.83
N TRP B 211 30.89 12.40 -13.14
CA TRP B 211 31.03 13.32 -14.25
C TRP B 211 31.77 14.58 -13.78
N ASP B 212 31.87 15.58 -14.64
CA ASP B 212 32.26 16.92 -14.24
C ASP B 212 31.60 17.94 -15.14
N VAL B 213 31.42 19.15 -14.60
CA VAL B 213 30.50 20.12 -15.21
C VAL B 213 31.08 20.70 -16.49
N ARG B 214 32.36 21.07 -16.50
CA ARG B 214 32.89 21.86 -17.60
C ARG B 214 33.17 21.03 -18.84
N GLU B 215 34.10 20.06 -18.74
CA GLU B 215 34.51 19.34 -19.94
C GLU B 215 33.55 18.23 -20.34
N GLY B 216 32.54 17.92 -19.52
CA GLY B 216 31.45 17.07 -19.93
C GLY B 216 31.72 15.58 -19.99
N MET B 217 32.96 15.15 -19.82
CA MET B 217 33.31 13.74 -19.96
C MET B 217 33.19 13.02 -18.64
N CYS B 218 32.68 11.79 -18.68
CA CYS B 218 32.66 10.91 -17.51
C CYS B 218 34.09 10.52 -17.16
N ARG B 219 34.59 11.04 -16.05
CA ARG B 219 35.98 10.76 -15.69
C ARG B 219 36.16 9.37 -15.12
N GLN B 220 35.13 8.80 -14.49
CA GLN B 220 35.27 7.52 -13.84
C GLN B 220 33.90 6.86 -13.72
N THR B 221 33.89 5.54 -13.86
CA THR B 221 32.69 4.73 -13.70
C THR B 221 32.98 3.65 -12.66
N PHE B 222 32.18 3.63 -11.60
CA PHE B 222 32.35 2.72 -10.48
C PHE B 222 31.33 1.59 -10.58
N THR B 223 31.81 0.36 -10.62
CA THR B 223 31.00 -0.84 -10.55
C THR B 223 31.27 -1.54 -9.23
N GLY B 224 30.49 -2.60 -8.97
CA GLY B 224 30.64 -3.33 -7.73
C GLY B 224 29.30 -3.61 -7.07
N HIS B 225 28.22 -3.32 -7.77
CA HIS B 225 26.87 -3.59 -7.30
C HIS B 225 26.25 -4.68 -8.15
N GLU B 226 25.07 -5.15 -7.71
CA GLU B 226 24.34 -6.19 -8.42
C GLU B 226 23.03 -5.68 -8.99
N SER B 227 22.16 -5.11 -8.15
CA SER B 227 20.87 -4.62 -8.59
C SER B 227 20.99 -3.14 -8.96
N ASP B 228 19.84 -2.47 -9.10
CA ASP B 228 19.83 -1.06 -9.43
C ASP B 228 20.27 -0.21 -8.25
N ILE B 229 20.78 0.99 -8.54
CA ILE B 229 21.26 1.92 -7.53
C ILE B 229 20.23 3.03 -7.39
N ASN B 230 19.64 3.18 -6.19
CA ASN B 230 18.45 4.02 -6.10
C ASN B 230 18.76 5.47 -5.74
N ALA B 231 19.55 5.72 -4.70
CA ALA B 231 19.72 7.09 -4.23
C ALA B 231 21.08 7.22 -3.55
N ILE B 232 21.98 7.98 -4.18
CA ILE B 232 23.33 8.15 -3.69
C ILE B 232 23.44 9.49 -2.95
N CYS B 233 24.52 9.64 -2.19
CA CYS B 233 24.82 10.89 -1.51
C CYS B 233 26.32 11.06 -1.41
N PHE B 234 26.76 12.31 -1.48
CA PHE B 234 28.17 12.61 -1.60
C PHE B 234 28.76 12.88 -0.21
N PHE B 235 29.99 12.42 0.00
CA PHE B 235 30.63 12.66 1.28
C PHE B 235 31.28 14.05 1.28
N PRO B 236 31.10 14.85 2.34
CA PRO B 236 31.31 16.29 2.23
C PRO B 236 32.74 16.79 2.15
N ASN B 237 33.73 15.93 1.90
CA ASN B 237 35.08 16.44 1.66
C ASN B 237 35.39 16.61 0.18
N GLY B 238 34.84 15.75 -0.67
CA GLY B 238 35.11 15.78 -2.09
C GLY B 238 35.81 14.53 -2.57
N ASN B 239 35.81 13.47 -1.77
CA ASN B 239 36.62 12.30 -2.04
C ASN B 239 35.86 10.97 -2.00
N ALA B 240 34.58 10.96 -1.65
CA ALA B 240 33.88 9.70 -1.43
C ALA B 240 32.38 9.93 -1.61
N PHE B 241 31.64 8.82 -1.67
CA PHE B 241 30.18 8.87 -1.74
C PHE B 241 29.62 7.50 -1.39
N ALA B 242 28.44 7.50 -0.77
CA ALA B 242 27.69 6.26 -0.57
C ALA B 242 26.76 6.03 -1.75
N THR B 243 26.30 4.79 -1.89
CA THR B 243 25.53 4.42 -3.06
C THR B 243 24.07 4.07 -2.77
N GLY B 244 23.79 3.09 -1.91
CA GLY B 244 22.40 2.74 -1.68
C GLY B 244 21.72 2.05 -2.85
N SER B 245 22.07 0.78 -3.07
CA SER B 245 21.51 0.04 -4.19
C SER B 245 20.21 -0.65 -3.76
N ASP B 246 19.71 -1.53 -4.63
CA ASP B 246 18.45 -2.22 -4.38
C ASP B 246 18.60 -3.58 -3.73
N ASP B 247 19.82 -4.12 -3.64
CA ASP B 247 20.05 -5.41 -3.00
C ASP B 247 20.44 -5.27 -1.53
N ALA B 248 19.89 -4.25 -0.84
CA ALA B 248 20.05 -4.03 0.60
C ALA B 248 21.51 -3.82 0.97
N THR B 249 22.26 -3.15 0.10
CA THR B 249 23.70 -2.95 0.31
C THR B 249 24.03 -1.49 0.05
N CYS B 250 24.06 -0.68 1.10
CA CYS B 250 24.73 0.62 1.01
C CYS B 250 26.23 0.40 0.93
N ARG B 251 26.84 0.80 -0.17
CA ARG B 251 28.27 0.70 -0.33
C ARG B 251 28.88 2.09 -0.35
N LEU B 252 29.92 2.27 0.45
CA LEU B 252 30.68 3.51 0.47
C LEU B 252 31.85 3.32 -0.49
N PHE B 253 31.81 4.06 -1.59
CA PHE B 253 32.86 4.17 -2.58
C PHE B 253 33.65 5.45 -2.37
N ASP B 254 34.80 5.54 -3.03
CA ASP B 254 35.67 6.70 -2.91
C ASP B 254 36.07 7.17 -4.30
N LEU B 255 36.88 8.23 -4.34
CA LEU B 255 37.48 8.72 -5.57
C LEU B 255 38.98 8.47 -5.54
N ARG B 256 39.58 8.53 -6.74
CA ARG B 256 41.00 8.34 -7.06
C ARG B 256 41.49 6.90 -6.83
N ALA B 257 40.64 5.99 -6.36
CA ALA B 257 40.99 4.57 -6.26
C ALA B 257 39.91 3.64 -6.80
N ASP B 258 38.66 4.09 -6.90
CA ASP B 258 37.58 3.52 -7.70
C ASP B 258 37.02 2.21 -7.19
N GLN B 259 37.61 1.65 -6.13
CA GLN B 259 37.10 0.41 -5.57
C GLN B 259 36.20 0.73 -4.37
N GLU B 260 35.60 -0.31 -3.81
CA GLU B 260 34.77 -0.14 -2.61
C GLU B 260 35.64 0.23 -1.42
N LEU B 261 35.07 1.07 -0.54
CA LEU B 261 35.64 1.24 0.78
C LEU B 261 34.92 0.37 1.81
N MET B 262 33.58 0.42 1.83
CA MET B 262 32.86 -0.52 2.69
C MET B 262 31.52 -0.93 2.10
N THR B 263 30.98 -2.00 2.69
CA THR B 263 29.64 -2.51 2.45
C THR B 263 28.89 -2.50 3.78
N TYR B 264 27.59 -2.19 3.74
CA TYR B 264 26.77 -2.12 4.95
C TYR B 264 25.55 -3.02 4.74
N SER B 265 25.68 -4.28 5.16
CA SER B 265 24.59 -5.23 5.02
C SER B 265 24.82 -6.41 5.96
N HIS B 266 23.73 -6.91 6.53
CA HIS B 266 23.72 -8.21 7.20
C HIS B 266 22.45 -8.94 6.81
N ASP B 267 22.25 -10.12 7.40
CA ASP B 267 21.28 -11.08 6.87
C ASP B 267 19.83 -10.69 7.16
N ASN B 268 19.57 -9.88 8.17
CA ASN B 268 18.19 -9.48 8.45
C ASN B 268 17.70 -8.36 7.54
N ILE B 269 18.60 -7.66 6.87
CA ILE B 269 18.19 -6.62 5.92
C ILE B 269 17.80 -7.31 4.62
N ILE B 270 16.52 -7.21 4.26
CA ILE B 270 15.95 -7.96 3.14
C ILE B 270 15.55 -7.03 2.00
N CYS B 271 14.81 -5.97 2.29
CA CYS B 271 14.15 -5.19 1.26
C CYS B 271 15.09 -4.21 0.59
N GLY B 272 14.53 -3.28 -0.19
CA GLY B 272 15.34 -2.34 -0.93
C GLY B 272 15.64 -1.07 -0.16
N ILE B 273 16.64 -0.35 -0.66
CA ILE B 273 17.08 0.91 -0.09
C ILE B 273 16.76 2.00 -1.11
N THR B 274 16.21 3.13 -0.64
CA THR B 274 15.80 4.14 -1.60
C THR B 274 16.12 5.58 -1.18
N SER B 275 16.88 5.79 -0.10
CA SER B 275 17.30 7.12 0.30
C SER B 275 18.52 7.01 1.19
N VAL B 276 19.56 7.79 0.86
CA VAL B 276 20.83 7.80 1.57
C VAL B 276 21.26 9.24 1.76
N SER B 277 21.65 9.61 2.98
CA SER B 277 22.29 10.89 3.23
C SER B 277 23.25 10.76 4.40
N PHE B 278 24.37 11.47 4.32
CA PHE B 278 25.38 11.44 5.36
C PHE B 278 24.97 12.33 6.52
N SER B 279 25.85 12.40 7.53
CA SER B 279 25.70 13.34 8.63
C SER B 279 26.44 14.63 8.28
N LYS B 280 26.65 15.48 9.28
CA LYS B 280 27.42 16.70 9.05
C LYS B 280 28.89 16.39 8.85
N SER B 281 29.47 15.57 9.74
CA SER B 281 30.84 15.14 9.55
C SER B 281 30.94 13.87 8.71
N GLY B 282 29.86 13.12 8.59
CA GLY B 282 29.86 11.87 7.87
C GLY B 282 29.98 10.63 8.73
N ARG B 283 29.94 10.78 10.06
CA ARG B 283 30.05 9.63 10.95
C ARG B 283 28.80 8.78 10.93
N LEU B 284 27.65 9.33 10.56
CA LEU B 284 26.39 8.61 10.53
C LEU B 284 25.82 8.65 9.13
N LEU B 285 25.79 7.50 8.46
CA LEU B 285 25.18 7.37 7.15
C LEU B 285 23.74 6.95 7.35
N LEU B 286 22.81 7.85 7.04
CA LEU B 286 21.39 7.63 7.29
C LEU B 286 20.76 7.00 6.06
N ALA B 287 20.26 5.78 6.20
CA ALA B 287 19.81 4.99 5.06
C ALA B 287 18.34 4.63 5.22
N GLY B 288 17.55 4.93 4.19
CA GLY B 288 16.12 4.68 4.21
C GLY B 288 15.78 3.41 3.46
N TYR B 289 15.06 2.52 4.14
CA TYR B 289 14.77 1.19 3.66
C TYR B 289 13.34 1.13 3.12
N ASP B 290 12.89 -0.07 2.82
CA ASP B 290 11.55 -0.30 2.28
C ASP B 290 10.61 -0.98 3.26
N ASP B 291 11.10 -1.39 4.43
CA ASP B 291 10.28 -2.05 5.45
C ASP B 291 9.97 -1.12 6.62
N PHE B 292 9.65 0.15 6.32
CA PHE B 292 9.46 1.27 7.23
C PHE B 292 10.50 1.36 8.34
N ASN B 293 11.75 1.04 8.02
CA ASN B 293 12.79 0.86 9.02
C ASN B 293 14.05 1.61 8.58
N CYS B 294 13.87 2.89 8.24
CA CYS B 294 15.00 3.78 7.97
C CYS B 294 15.94 3.84 9.17
N ASN B 295 17.17 3.38 8.96
CA ASN B 295 18.09 3.20 10.07
C ASN B 295 19.31 4.09 9.88
N VAL B 296 20.20 4.05 10.87
CA VAL B 296 21.47 4.70 10.79
C VAL B 296 22.52 3.65 10.43
N TRP B 297 23.71 4.10 10.06
CA TRP B 297 24.84 3.21 9.88
C TRP B 297 26.07 3.96 10.34
N ASP B 298 26.82 3.37 11.27
CA ASP B 298 28.10 3.94 11.65
C ASP B 298 29.05 3.70 10.49
N ALA B 299 29.22 4.72 9.64
CA ALA B 299 30.06 4.56 8.45
C ALA B 299 31.53 4.80 8.76
N LEU B 300 32.01 4.17 9.84
CA LEU B 300 33.43 4.00 10.09
C LEU B 300 33.74 2.63 10.68
N LYS B 301 32.74 1.89 11.18
CA LYS B 301 32.91 0.54 11.68
C LYS B 301 31.94 -0.46 11.04
N ALA B 302 31.15 -0.02 10.06
CA ALA B 302 30.28 -0.84 9.21
C ALA B 302 29.22 -1.61 9.98
N ASP B 303 28.80 -1.12 11.14
CA ASP B 303 27.72 -1.73 11.90
C ASP B 303 26.62 -0.72 12.17
N ARG B 304 25.39 -1.20 12.25
CA ARG B 304 24.27 -0.32 12.53
C ARG B 304 24.29 0.14 13.98
N ALA B 305 23.59 1.25 14.24
CA ALA B 305 23.59 1.81 15.59
C ALA B 305 22.21 2.32 16.02
N GLY B 306 21.16 1.99 15.31
CA GLY B 306 19.83 2.46 15.67
C GLY B 306 18.93 2.55 14.46
N VAL B 307 17.62 2.45 14.73
CA VAL B 307 16.60 2.53 13.71
C VAL B 307 15.76 3.77 13.97
N LEU B 308 14.86 4.08 13.04
CA LEU B 308 13.96 5.22 13.14
C LEU B 308 12.54 4.77 12.82
N ALA B 309 12.11 3.67 13.43
CA ALA B 309 10.83 3.04 13.12
C ALA B 309 9.69 3.91 13.63
N GLY B 310 9.12 4.70 12.73
CA GLY B 310 7.99 5.55 13.07
C GLY B 310 6.99 5.64 11.93
N HIS B 311 7.05 4.67 11.02
CA HIS B 311 6.20 4.67 9.84
C HIS B 311 5.63 3.28 9.65
N ASP B 312 4.82 3.10 8.61
CA ASP B 312 4.30 1.79 8.23
C ASP B 312 4.38 1.52 6.74
N ASN B 313 4.92 2.44 5.94
CA ASN B 313 5.00 2.27 4.50
C ASN B 313 6.44 2.46 4.04
N ARG B 314 6.63 2.59 2.72
CA ARG B 314 7.97 2.81 2.19
C ARG B 314 8.49 4.19 2.60
N VAL B 315 9.61 4.22 3.31
CA VAL B 315 10.26 5.48 3.65
C VAL B 315 10.95 5.96 2.38
N SER B 316 10.30 6.88 1.67
CA SER B 316 10.72 7.19 0.31
C SER B 316 11.91 8.13 0.25
N CYS B 317 12.11 8.96 1.27
CA CYS B 317 13.12 10.00 1.16
C CYS B 317 13.58 10.42 2.55
N LEU B 318 14.81 10.93 2.62
CA LEU B 318 15.31 11.50 3.87
C LEU B 318 16.35 12.55 3.52
N GLY B 319 16.60 13.46 4.44
CA GLY B 319 17.61 14.47 4.24
C GLY B 319 17.97 15.16 5.53
N VAL B 320 19.26 15.45 5.69
CA VAL B 320 19.77 16.14 6.84
C VAL B 320 19.98 17.60 6.50
N THR B 321 20.18 18.43 7.51
CA THR B 321 20.39 19.85 7.32
C THR B 321 21.87 20.11 7.01
N ASP B 322 22.19 21.38 6.74
CA ASP B 322 23.57 21.73 6.45
C ASP B 322 24.41 21.83 7.71
N ASP B 323 23.79 22.12 8.85
CA ASP B 323 24.48 22.18 10.12
C ASP B 323 24.29 20.89 10.94
N GLY B 324 23.67 19.88 10.36
CA GLY B 324 23.54 18.58 11.00
C GLY B 324 22.57 18.52 12.16
N MET B 325 21.75 19.55 12.37
CA MET B 325 20.94 19.64 13.57
C MET B 325 19.65 18.83 13.49
N ALA B 326 19.33 18.22 12.36
CA ALA B 326 18.07 17.49 12.23
C ALA B 326 18.17 16.48 11.09
N VAL B 327 17.11 15.69 10.95
CA VAL B 327 16.92 14.86 9.77
C VAL B 327 15.43 14.69 9.50
N ALA B 328 14.99 15.07 8.31
CA ALA B 328 13.61 14.89 7.91
C ALA B 328 13.49 13.64 7.05
N THR B 329 12.65 12.71 7.49
CA THR B 329 12.38 11.47 6.76
C THR B 329 10.91 11.48 6.34
N GLY B 330 10.68 11.39 5.04
CA GLY B 330 9.34 11.33 4.50
C GLY B 330 9.05 9.98 3.86
N SER B 331 7.83 9.50 4.09
CA SER B 331 7.45 8.17 3.67
C SER B 331 6.20 8.18 2.81
N TRP B 332 5.65 7.01 2.51
CA TRP B 332 4.46 6.92 1.68
C TRP B 332 3.17 7.08 2.47
N ASP B 333 3.24 7.28 3.79
CA ASP B 333 2.06 7.43 4.63
C ASP B 333 1.73 8.89 4.91
N SER B 334 2.02 9.78 3.96
CA SER B 334 1.65 11.21 3.96
C SER B 334 2.27 12.00 5.13
N PHE B 335 3.31 11.48 5.76
CA PHE B 335 3.91 12.12 6.93
C PHE B 335 5.38 12.39 6.71
N LEU B 336 5.91 13.36 7.45
CA LEU B 336 7.35 13.62 7.53
C LEU B 336 7.73 13.65 9.01
N LYS B 337 8.49 12.66 9.45
CA LYS B 337 8.94 12.65 10.84
C LYS B 337 10.32 13.29 10.91
N ILE B 338 10.43 14.37 11.67
CA ILE B 338 11.71 15.06 11.79
C ILE B 338 12.39 14.62 13.08
N TRP B 339 13.47 13.85 12.93
CA TRP B 339 14.17 13.28 14.06
C TRP B 339 15.40 14.12 14.38
N ASN B 340 15.81 14.04 15.63
CA ASN B 340 16.93 14.82 16.16
C ASN B 340 17.67 14.03 17.23
N LEU C 16 22.63 8.37 -37.44
CA LEU C 16 23.95 8.26 -36.81
C LEU C 16 23.81 7.83 -35.35
N THR C 17 22.57 7.66 -34.90
CA THR C 17 22.34 7.21 -33.52
C THR C 17 22.66 5.73 -33.36
N GLU C 18 22.50 4.94 -34.42
CA GLU C 18 22.85 3.52 -34.38
C GLU C 18 24.33 3.27 -34.64
N LYS C 19 25.10 4.30 -34.98
CA LYS C 19 26.52 4.16 -35.26
C LYS C 19 27.39 4.81 -34.19
N ASP C 20 26.79 5.44 -33.17
CA ASP C 20 27.55 6.13 -32.14
C ASP C 20 27.70 5.29 -30.87
N LYS C 21 26.58 4.86 -30.29
CA LYS C 21 26.58 4.14 -29.01
C LYS C 21 27.13 2.72 -29.12
N LEU C 22 27.37 2.23 -30.33
CA LEU C 22 28.07 0.95 -30.48
C LEU C 22 29.54 1.08 -30.11
N LYS C 23 30.12 2.27 -30.33
CA LYS C 23 31.55 2.48 -30.17
C LYS C 23 31.93 3.44 -29.04
N MET C 24 31.01 4.31 -28.62
CA MET C 24 31.30 5.26 -27.55
C MET C 24 31.57 4.54 -26.23
N GLU C 25 30.85 3.44 -25.98
CA GLU C 25 31.05 2.67 -24.77
C GLU C 25 32.43 2.04 -24.73
N VAL C 26 32.87 1.45 -25.84
CA VAL C 26 34.16 0.76 -25.82
C VAL C 26 35.32 1.77 -25.83
N ASP C 27 35.17 2.94 -26.48
CA ASP C 27 36.27 3.89 -26.41
C ASP C 27 36.35 4.58 -25.05
N GLN C 28 35.19 4.86 -24.41
CA GLN C 28 35.24 5.44 -23.07
C GLN C 28 35.74 4.44 -22.04
N LEU C 29 35.39 3.15 -22.21
CA LEU C 29 35.91 2.12 -21.33
C LEU C 29 37.39 1.91 -21.53
N LYS C 30 37.88 2.09 -22.76
CA LYS C 30 39.32 2.10 -23.01
C LYS C 30 39.98 3.29 -22.34
N LYS C 31 39.29 4.44 -22.32
CA LYS C 31 39.82 5.61 -21.65
C LYS C 31 39.84 5.45 -20.13
N GLU C 32 38.97 4.61 -19.58
CA GLU C 32 38.84 4.51 -18.11
C GLU C 32 39.99 3.77 -17.43
N VAL C 33 40.90 3.14 -18.17
CA VAL C 33 41.99 2.40 -17.55
C VAL C 33 43.25 3.24 -17.42
N THR C 34 43.39 4.32 -18.22
CA THR C 34 44.61 5.12 -18.21
C THR C 34 44.75 5.97 -16.96
N LEU C 35 43.64 6.23 -16.25
CA LEU C 35 43.68 7.09 -15.09
C LEU C 35 44.35 6.38 -13.92
N GLU C 36 45.27 7.08 -13.26
CA GLU C 36 46.08 6.47 -12.21
C GLU C 36 45.27 6.24 -10.95
N ARG C 37 45.37 5.02 -10.41
CA ARG C 37 44.64 4.67 -9.20
C ARG C 37 45.39 5.13 -7.96
N MET C 38 44.83 4.81 -6.80
CA MET C 38 45.52 4.96 -5.53
C MET C 38 45.26 3.72 -4.69
N LEU C 39 46.06 3.55 -3.65
CA LEU C 39 45.78 2.51 -2.68
C LEU C 39 44.54 2.87 -1.89
N VAL C 40 43.67 1.88 -1.66
CA VAL C 40 42.48 2.13 -0.87
C VAL C 40 42.81 2.32 0.61
N SER C 41 43.98 1.84 1.05
CA SER C 41 44.43 2.12 2.41
C SER C 41 44.71 3.60 2.59
N LYS C 42 45.34 4.25 1.60
CA LYS C 42 45.73 5.65 1.75
C LYS C 42 44.52 6.58 1.66
N CYS C 43 43.67 6.39 0.65
CA CYS C 43 42.45 7.19 0.53
C CYS C 43 41.48 6.88 1.66
N CYS C 44 41.51 5.63 2.15
CA CYS C 44 40.73 5.26 3.33
C CYS C 44 41.22 6.00 4.57
N GLU C 45 42.55 6.15 4.72
CA GLU C 45 43.10 6.91 5.83
C GLU C 45 42.74 8.38 5.71
N GLU C 46 42.69 8.90 4.48
CA GLU C 46 42.25 10.27 4.24
C GLU C 46 40.81 10.48 4.69
N PHE C 47 39.92 9.56 4.28
CA PHE C 47 38.53 9.60 4.69
C PHE C 47 38.38 9.47 6.21
N ARG C 48 39.16 8.59 6.82
CA ARG C 48 39.06 8.36 8.26
C ARG C 48 39.55 9.56 9.05
N ASP C 49 40.65 10.18 8.60
CA ASP C 49 41.16 11.36 9.30
C ASP C 49 40.20 12.54 9.16
N TYR C 50 39.58 12.70 7.98
CA TYR C 50 38.61 13.79 7.82
C TYR C 50 37.35 13.53 8.65
N VAL C 51 36.91 12.28 8.75
CA VAL C 51 35.69 12.02 9.51
C VAL C 51 35.97 11.92 11.01
N GLU C 52 37.23 11.80 11.41
CA GLU C 52 37.57 11.78 12.83
C GLU C 52 37.98 13.15 13.37
N GLU C 53 38.47 14.05 12.52
CA GLU C 53 38.75 15.41 12.98
C GLU C 53 37.47 16.18 13.25
N ARG C 54 36.37 15.83 12.58
CA ARG C 54 35.12 16.57 12.70
C ARG C 54 34.04 15.82 13.48
N SER C 55 34.35 14.66 14.05
CA SER C 55 33.35 13.90 14.79
C SER C 55 33.21 14.33 16.24
N GLY C 56 34.09 15.20 16.72
CA GLY C 56 33.99 15.67 18.10
C GLY C 56 32.84 16.62 18.33
N GLU C 57 32.34 17.27 17.28
CA GLU C 57 31.27 18.26 17.43
C GLU C 57 30.16 18.05 16.42
N ASP C 58 29.93 16.82 15.99
CA ASP C 58 28.75 16.49 15.21
C ASP C 58 27.53 16.56 16.12
N PRO C 59 26.52 17.39 15.81
CA PRO C 59 25.36 17.53 16.70
C PRO C 59 24.38 16.37 16.63
N LEU C 60 24.59 15.39 15.75
CA LEU C 60 23.71 14.24 15.67
C LEU C 60 24.32 12.97 16.28
N VAL C 61 25.64 12.92 16.44
CA VAL C 61 26.28 11.82 17.13
C VAL C 61 26.32 12.06 18.64
N LYS C 62 26.56 13.30 19.05
CA LYS C 62 26.67 13.63 20.47
C LYS C 62 25.30 13.85 21.12
N GLY C 63 24.32 14.31 20.36
CA GLY C 63 23.03 14.66 20.93
C GLY C 63 22.99 16.10 21.40
N ILE C 64 21.81 16.70 21.42
CA ILE C 64 21.63 18.10 21.80
C ILE C 64 21.03 18.13 23.20
N PRO C 65 21.62 18.88 24.16
CA PRO C 65 21.16 18.87 25.55
C PRO C 65 19.92 19.73 25.84
N GLU C 66 18.87 19.53 25.04
CA GLU C 66 17.48 19.95 25.29
C GLU C 66 17.26 21.46 25.25
N ASP C 67 18.31 22.26 25.07
CA ASP C 67 18.21 23.71 25.04
C ASP C 67 18.73 24.33 23.75
N LYS C 68 19.83 23.79 23.20
CA LYS C 68 20.40 24.36 21.99
C LYS C 68 19.61 24.01 20.73
N ASN C 69 18.75 22.99 20.80
CA ASN C 69 18.01 22.59 19.62
C ASN C 69 16.86 23.55 19.32
N PRO C 70 16.56 23.76 18.05
CA PRO C 70 15.37 24.55 17.70
C PRO C 70 14.13 23.70 17.56
N PHE C 71 14.20 22.46 18.07
CA PHE C 71 13.13 21.48 17.88
C PHE C 71 12.57 21.06 19.23
N LYS C 72 12.25 22.04 20.07
CA LYS C 72 11.72 21.79 21.41
C LYS C 72 10.29 21.23 21.34
N GLU C 73 9.75 20.92 22.52
CA GLU C 73 8.41 20.36 22.60
C GLU C 73 7.36 21.41 22.29
N LEU C 74 6.25 20.96 21.69
CA LEU C 74 5.15 21.84 21.29
C LEU C 74 3.86 21.29 21.88
N LYS C 75 3.53 21.75 23.09
CA LYS C 75 2.31 21.41 23.82
C LYS C 75 2.10 19.91 24.02
N GLN D 1 30.51 -6.21 -12.24
CA GLN D 1 29.51 -6.42 -13.27
C GLN D 1 28.67 -7.67 -12.98
N VAL D 2 27.74 -7.97 -13.87
CA VAL D 2 26.88 -9.15 -13.75
C VAL D 2 26.99 -9.94 -15.06
N GLN D 3 27.87 -10.93 -15.08
CA GLN D 3 28.10 -11.74 -16.27
C GLN D 3 27.19 -12.96 -16.26
N LEU D 4 26.51 -13.20 -17.38
CA LEU D 4 25.59 -14.32 -17.56
C LEU D 4 25.94 -14.96 -18.89
N GLN D 5 26.89 -15.90 -18.89
CA GLN D 5 27.28 -16.55 -20.12
C GLN D 5 26.51 -17.85 -20.29
N GLU D 6 26.33 -18.28 -21.53
CA GLU D 6 25.53 -19.45 -21.80
C GLU D 6 26.28 -20.37 -22.76
N SER D 7 25.80 -21.61 -22.83
CA SER D 7 26.42 -22.63 -23.68
C SER D 7 25.41 -23.74 -23.93
N GLY D 8 25.55 -24.38 -25.09
CA GLY D 8 24.69 -25.50 -25.42
C GLY D 8 23.65 -25.22 -26.49
N GLY D 9 24.03 -24.50 -27.53
CA GLY D 9 23.10 -24.22 -28.62
C GLY D 9 23.66 -24.48 -30.00
N GLY D 10 23.05 -25.41 -30.73
CA GLY D 10 23.47 -25.73 -32.08
C GLY D 10 22.31 -26.05 -33.00
N LEU D 11 22.47 -27.05 -33.86
CA LEU D 11 21.40 -27.52 -34.73
C LEU D 11 20.95 -28.90 -34.29
N VAL D 12 19.65 -29.14 -34.35
CA VAL D 12 19.09 -30.41 -33.88
C VAL D 12 17.81 -30.70 -34.67
N GLN D 13 17.69 -31.93 -35.16
CA GLN D 13 16.46 -32.36 -35.82
C GLN D 13 15.33 -32.44 -34.79
N PRO D 14 14.08 -32.19 -35.19
CA PRO D 14 12.99 -32.09 -34.21
C PRO D 14 12.68 -33.41 -33.53
N GLY D 15 12.22 -33.30 -32.29
CA GLY D 15 12.09 -34.42 -31.40
C GLY D 15 13.32 -34.67 -30.54
N GLY D 16 14.49 -34.22 -31.00
CA GLY D 16 15.71 -34.42 -30.24
C GLY D 16 15.88 -33.40 -29.13
N SER D 17 16.34 -33.89 -27.98
CA SER D 17 16.55 -33.03 -26.83
C SER D 17 17.78 -32.16 -27.02
N LEU D 18 17.87 -31.09 -26.22
CA LEU D 18 19.03 -30.22 -26.21
C LEU D 18 19.09 -29.52 -24.86
N ARG D 19 20.22 -29.63 -24.17
CA ARG D 19 20.41 -29.03 -22.86
C ARG D 19 21.35 -27.84 -22.98
N LEU D 20 20.91 -26.68 -22.52
CA LEU D 20 21.74 -25.48 -22.49
C LEU D 20 21.77 -24.93 -21.07
N SER D 21 22.79 -24.13 -20.80
CA SER D 21 23.11 -23.73 -19.44
C SER D 21 23.65 -22.31 -19.42
N CYS D 22 23.42 -21.65 -18.28
CA CYS D 22 23.92 -20.31 -18.01
C CYS D 22 24.82 -20.34 -16.78
N ALA D 23 26.10 -20.06 -16.99
CA ALA D 23 27.02 -19.80 -15.90
C ALA D 23 26.92 -18.33 -15.51
N ALA D 24 26.69 -18.08 -14.23
CA ALA D 24 26.56 -16.73 -13.69
C ALA D 24 27.77 -16.38 -12.85
N SER D 25 28.18 -15.10 -12.92
CA SER D 25 29.30 -14.63 -12.12
C SER D 25 29.14 -13.13 -11.92
N GLY D 26 29.08 -12.69 -10.67
CA GLY D 26 28.97 -11.28 -10.38
C GLY D 26 28.08 -10.97 -9.19
N PHE D 27 27.21 -11.90 -8.82
CA PHE D 27 26.28 -11.71 -7.71
C PHE D 27 26.19 -13.01 -6.92
N THR D 28 25.38 -13.01 -5.87
CA THR D 28 25.09 -14.22 -5.12
C THR D 28 23.92 -14.94 -5.79
N PHE D 29 24.20 -16.11 -6.36
CA PHE D 29 23.23 -16.83 -7.19
C PHE D 29 22.40 -17.79 -6.33
N SER D 30 21.76 -17.23 -5.32
CA SER D 30 20.88 -18.00 -4.46
C SER D 30 19.58 -17.29 -4.13
N ASN D 31 19.45 -15.99 -4.41
CA ASN D 31 18.31 -15.21 -3.94
C ASN D 31 17.79 -14.28 -5.03
N TYR D 32 18.02 -14.62 -6.29
CA TYR D 32 17.48 -13.88 -7.42
C TYR D 32 16.57 -14.79 -8.22
N LYS D 33 15.37 -14.32 -8.53
CA LYS D 33 14.49 -15.04 -9.44
C LYS D 33 15.08 -14.98 -10.84
N MET D 34 14.92 -16.06 -11.60
CA MET D 34 15.60 -16.21 -12.87
C MET D 34 14.62 -16.52 -13.99
N ASN D 35 14.89 -16.00 -15.18
CA ASN D 35 14.02 -16.18 -16.32
C ASN D 35 14.85 -16.66 -17.52
N TRP D 36 14.18 -17.38 -18.41
CA TRP D 36 14.75 -17.80 -19.68
C TRP D 36 13.88 -17.18 -20.78
N VAL D 37 14.50 -16.33 -21.60
CA VAL D 37 13.80 -15.57 -22.63
C VAL D 37 14.35 -15.99 -23.98
N ARG D 38 13.47 -16.07 -24.99
CA ARG D 38 13.89 -16.36 -26.34
C ARG D 38 13.51 -15.21 -27.25
N GLN D 39 14.08 -15.21 -28.45
CA GLN D 39 13.85 -14.15 -29.43
C GLN D 39 13.90 -14.78 -30.82
N ALA D 40 12.75 -14.77 -31.49
CA ALA D 40 12.59 -15.40 -32.79
C ALA D 40 13.40 -14.67 -33.86
N PRO D 41 13.68 -15.31 -35.01
CA PRO D 41 14.40 -14.60 -36.08
C PRO D 41 13.55 -13.53 -36.75
N GLY D 42 13.48 -12.36 -36.13
CA GLY D 42 12.73 -11.25 -36.67
C GLY D 42 11.73 -10.68 -35.69
N LYS D 43 11.11 -11.54 -34.89
CA LYS D 43 10.10 -11.11 -33.94
C LYS D 43 10.75 -10.54 -32.68
N GLY D 44 9.92 -10.05 -31.76
CA GLY D 44 10.40 -9.52 -30.51
C GLY D 44 10.74 -10.61 -29.51
N LEU D 45 11.22 -10.16 -28.35
CA LEU D 45 11.59 -11.09 -27.29
C LEU D 45 10.34 -11.68 -26.64
N GLN D 46 10.42 -12.95 -26.26
CA GLN D 46 9.31 -13.67 -25.68
C GLN D 46 9.80 -14.46 -24.47
N TRP D 47 9.17 -14.24 -23.32
CA TRP D 47 9.55 -14.94 -22.12
C TRP D 47 9.11 -16.40 -22.18
N VAL D 48 9.97 -17.30 -21.73
CA VAL D 48 9.66 -18.73 -21.75
C VAL D 48 9.56 -19.27 -20.32
N SER D 49 10.64 -19.19 -19.56
CA SER D 49 10.70 -19.86 -18.26
C SER D 49 10.91 -18.86 -17.13
N ASP D 50 10.37 -19.19 -15.97
CA ASP D 50 10.21 -18.25 -14.86
C ASP D 50 10.59 -18.90 -13.53
N ILE D 51 11.80 -19.47 -13.46
CA ILE D 51 12.18 -20.27 -12.29
C ILE D 51 12.44 -19.37 -11.08
N SER D 52 11.86 -19.74 -9.94
CA SER D 52 11.97 -18.96 -8.72
C SER D 52 13.28 -19.29 -8.00
N GLN D 53 13.39 -18.83 -6.75
CA GLN D 53 14.66 -18.92 -6.02
C GLN D 53 14.93 -20.33 -5.54
N SER D 54 14.01 -20.91 -4.78
CA SER D 54 14.23 -22.26 -4.26
C SER D 54 14.02 -23.31 -5.34
N GLY D 55 12.90 -23.22 -6.05
CA GLY D 55 12.58 -24.19 -7.08
C GLY D 55 11.12 -24.61 -7.01
N ALA D 56 10.39 -24.03 -6.07
CA ALA D 56 8.98 -24.37 -5.90
C ALA D 56 8.13 -23.76 -7.01
N SER D 57 8.16 -22.44 -7.15
CA SER D 57 7.36 -21.77 -8.16
C SER D 57 8.06 -21.88 -9.51
N ILE D 58 7.40 -22.53 -10.47
CA ILE D 58 7.92 -22.70 -11.81
C ILE D 58 6.78 -22.45 -12.78
N SER D 59 6.96 -21.49 -13.69
CA SER D 59 5.96 -21.16 -14.69
C SER D 59 6.48 -21.47 -16.08
N TYR D 60 5.58 -21.37 -17.05
CA TYR D 60 5.92 -21.62 -18.45
C TYR D 60 5.03 -20.73 -19.31
N THR D 61 5.40 -20.63 -20.58
CA THR D 61 4.65 -19.82 -21.53
C THR D 61 3.52 -20.65 -22.13
N GLY D 62 2.87 -20.10 -23.15
CA GLY D 62 1.74 -20.77 -23.77
C GLY D 62 2.15 -21.90 -24.70
N SER D 63 3.08 -21.61 -25.62
CA SER D 63 3.50 -22.61 -26.61
C SER D 63 4.36 -23.71 -26.02
N VAL D 64 4.81 -23.57 -24.77
CA VAL D 64 5.63 -24.57 -24.10
C VAL D 64 4.92 -24.95 -22.81
N LYS D 65 4.25 -26.10 -22.81
CA LYS D 65 3.63 -26.67 -21.62
C LYS D 65 3.87 -28.17 -21.67
N GLY D 66 4.95 -28.61 -21.04
CA GLY D 66 5.29 -30.02 -21.01
C GLY D 66 6.36 -30.46 -21.98
N ARG D 67 7.23 -29.56 -22.43
CA ARG D 67 8.35 -29.96 -23.28
C ARG D 67 9.68 -29.33 -22.88
N PHE D 68 9.71 -28.31 -22.02
CA PHE D 68 10.96 -27.76 -21.52
C PHE D 68 11.03 -28.01 -20.03
N THR D 69 12.26 -28.21 -19.53
CA THR D 69 12.48 -28.32 -18.09
C THR D 69 13.59 -27.36 -17.68
N ILE D 70 13.53 -26.92 -16.42
CA ILE D 70 14.45 -25.92 -15.89
C ILE D 70 14.87 -26.30 -14.48
N SER D 71 16.12 -26.01 -14.15
CA SER D 71 16.66 -26.33 -12.83
C SER D 71 17.86 -25.43 -12.55
N ARG D 72 17.90 -24.85 -11.36
CA ARG D 72 19.05 -24.06 -10.92
C ARG D 72 19.92 -24.92 -10.02
N ASP D 73 21.16 -25.15 -10.44
CA ASP D 73 22.17 -25.79 -9.60
C ASP D 73 22.87 -24.68 -8.83
N ASP D 74 22.56 -24.60 -7.52
CA ASP D 74 23.03 -23.49 -6.70
C ASP D 74 24.52 -23.61 -6.41
N ALA D 75 24.98 -24.81 -6.07
CA ALA D 75 26.39 -25.00 -5.71
C ALA D 75 27.30 -24.84 -6.92
N LYS D 76 26.86 -25.28 -8.09
CA LYS D 76 27.64 -25.07 -9.31
C LYS D 76 27.39 -23.70 -9.93
N ASN D 77 26.44 -22.93 -9.39
CA ASN D 77 26.13 -21.55 -9.79
C ASN D 77 25.73 -21.48 -11.25
N THR D 78 24.69 -22.24 -11.61
CA THR D 78 24.35 -22.40 -13.02
C THR D 78 22.85 -22.62 -13.18
N LEU D 79 22.25 -21.95 -14.15
CA LEU D 79 20.89 -22.27 -14.56
C LEU D 79 20.91 -23.27 -15.71
N TYR D 80 19.89 -24.13 -15.76
CA TYR D 80 19.81 -25.20 -16.74
C TYR D 80 18.44 -25.22 -17.36
N LEU D 81 18.39 -25.24 -18.69
CA LEU D 81 17.17 -25.52 -19.43
C LEU D 81 17.43 -26.70 -20.36
N GLN D 82 16.41 -27.53 -20.55
CA GLN D 82 16.52 -28.64 -21.48
C GLN D 82 15.23 -28.76 -22.28
N MET D 83 15.38 -28.80 -23.61
CA MET D 83 14.26 -28.93 -24.54
C MET D 83 14.13 -30.39 -24.92
N ASN D 84 13.06 -31.03 -24.49
CA ASN D 84 12.75 -32.40 -24.90
C ASN D 84 11.56 -32.38 -25.86
N SER D 85 11.74 -33.03 -27.01
CA SER D 85 10.79 -33.07 -28.13
C SER D 85 10.43 -31.65 -28.58
N LEU D 86 11.45 -30.92 -29.04
CA LEU D 86 11.23 -29.57 -29.52
C LEU D 86 10.65 -29.60 -30.93
N LYS D 87 10.02 -28.49 -31.30
CA LYS D 87 9.34 -28.31 -32.58
C LYS D 87 10.16 -27.40 -33.48
N PRO D 88 9.99 -27.49 -34.82
CA PRO D 88 10.75 -26.61 -35.72
C PRO D 88 10.30 -25.16 -35.77
N ALA D 89 9.36 -24.76 -34.90
CA ALA D 89 8.96 -23.38 -34.77
C ALA D 89 9.79 -22.61 -33.75
N ASP D 90 10.97 -23.13 -33.38
CA ASP D 90 11.88 -22.48 -32.44
C ASP D 90 13.27 -22.44 -33.08
N THR D 91 13.52 -21.39 -33.87
CA THR D 91 14.83 -21.16 -34.48
C THR D 91 15.45 -19.91 -33.85
N ALA D 92 15.31 -19.81 -32.53
CA ALA D 92 15.47 -18.54 -31.85
C ALA D 92 16.90 -18.30 -31.39
N VAL D 93 17.12 -17.16 -30.76
CA VAL D 93 18.27 -16.95 -29.89
C VAL D 93 17.74 -16.96 -28.46
N TYR D 94 18.59 -17.40 -27.53
CA TYR D 94 18.16 -17.65 -26.16
C TYR D 94 19.03 -16.85 -25.21
N TYR D 95 18.40 -15.98 -24.42
CA TYR D 95 19.04 -15.28 -23.33
C TYR D 95 18.53 -15.81 -22.00
N CYS D 96 19.37 -15.67 -20.97
CA CYS D 96 18.98 -15.97 -19.60
C CYS D 96 19.03 -14.68 -18.81
N ALA D 97 17.89 -14.27 -18.26
CA ALA D 97 17.75 -13.00 -17.59
C ALA D 97 17.62 -13.19 -16.09
N ARG D 98 18.04 -12.18 -15.34
CA ARG D 98 17.86 -12.15 -13.90
C ARG D 98 16.87 -11.05 -13.56
N CYS D 99 15.90 -11.37 -12.73
CA CYS D 99 14.96 -10.36 -12.25
C CYS D 99 15.68 -9.38 -11.34
N PRO D 100 15.33 -8.09 -11.37
CA PRO D 100 16.19 -7.08 -10.74
C PRO D 100 16.23 -7.14 -9.21
N ALA D 101 15.10 -7.18 -8.56
CA ALA D 101 15.14 -7.11 -7.11
C ALA D 101 15.32 -8.50 -6.50
N PRO D 102 16.27 -8.69 -5.60
CA PRO D 102 16.36 -9.96 -4.87
C PRO D 102 15.28 -10.05 -3.80
N PHE D 103 15.09 -11.28 -3.30
CA PHE D 103 14.12 -11.63 -2.26
C PHE D 103 12.70 -11.22 -2.63
N THR D 104 12.37 -11.22 -3.92
CA THR D 104 11.12 -10.67 -4.39
C THR D 104 10.69 -11.45 -5.63
N ARG D 105 9.40 -11.78 -5.71
CA ARG D 105 8.85 -12.52 -6.84
C ARG D 105 8.67 -11.66 -8.10
N ASP D 106 9.06 -10.39 -8.07
CA ASP D 106 8.84 -9.50 -9.20
C ASP D 106 9.86 -9.79 -10.29
N CYS D 107 9.37 -9.98 -11.52
CA CYS D 107 10.21 -10.07 -12.71
C CYS D 107 9.51 -9.20 -13.75
N PHE D 108 9.84 -7.91 -13.75
CA PHE D 108 9.01 -6.94 -14.44
C PHE D 108 9.56 -6.54 -15.80
N ASP D 109 10.88 -6.36 -15.92
CA ASP D 109 11.52 -6.00 -17.18
C ASP D 109 12.60 -7.00 -17.56
N VAL D 110 12.32 -8.29 -17.41
CA VAL D 110 13.24 -9.31 -17.90
C VAL D 110 13.08 -9.56 -19.40
N THR D 111 12.07 -8.97 -20.02
CA THR D 111 11.79 -9.14 -21.44
C THR D 111 12.03 -7.87 -22.24
N SER D 112 12.45 -6.79 -21.60
CA SER D 112 12.57 -5.51 -22.28
C SER D 112 13.85 -5.44 -23.10
N THR D 113 13.79 -4.66 -24.18
CA THR D 113 14.99 -4.40 -24.95
C THR D 113 15.91 -3.45 -24.19
N ALA D 114 17.21 -3.54 -24.52
CA ALA D 114 18.30 -2.79 -23.87
C ALA D 114 18.34 -3.02 -22.36
N TYR D 115 17.96 -4.21 -21.92
CA TYR D 115 17.98 -4.55 -20.51
C TYR D 115 19.38 -4.91 -20.09
N ALA D 116 19.71 -4.59 -18.83
CA ALA D 116 21.09 -4.70 -18.37
C ALA D 116 21.43 -6.04 -17.73
N TYR D 117 20.43 -6.88 -17.46
CA TYR D 117 20.71 -8.08 -16.67
C TYR D 117 20.40 -9.37 -17.42
N ARG D 118 20.81 -9.45 -18.68
CA ARG D 118 20.76 -10.71 -19.42
C ARG D 118 21.93 -10.76 -20.38
N GLY D 119 22.53 -11.94 -20.49
CA GLY D 119 23.66 -12.13 -21.38
C GLY D 119 23.24 -12.16 -22.84
N GLN D 120 24.25 -12.31 -23.70
CA GLN D 120 24.02 -12.38 -25.14
C GLN D 120 23.45 -13.72 -25.59
N GLY D 121 23.44 -14.73 -24.72
CA GLY D 121 22.75 -15.97 -25.01
C GLY D 121 23.45 -16.83 -26.05
N THR D 122 22.74 -17.87 -26.47
CA THR D 122 23.18 -18.74 -27.55
C THR D 122 22.19 -18.68 -28.71
N GLN D 123 22.50 -19.44 -29.75
CA GLN D 123 21.66 -19.57 -30.94
C GLN D 123 21.14 -20.98 -31.01
N VAL D 124 19.82 -21.13 -31.09
CA VAL D 124 19.18 -22.44 -31.22
C VAL D 124 18.49 -22.45 -32.58
N THR D 125 19.12 -23.09 -33.54
CA THR D 125 18.52 -23.36 -34.85
C THR D 125 18.09 -24.81 -34.92
N VAL D 126 17.12 -25.08 -35.79
CA VAL D 126 16.49 -26.39 -35.85
C VAL D 126 16.44 -26.84 -37.31
N SER D 127 16.82 -28.09 -37.55
CA SER D 127 16.78 -28.68 -38.87
C SER D 127 15.45 -29.40 -39.06
N SER D 128 15.35 -30.21 -40.11
CA SER D 128 14.16 -31.02 -40.35
C SER D 128 14.53 -32.33 -41.03
N MET E 1 -53.22 -10.01 40.59
CA MET E 1 -53.12 -10.77 39.34
C MET E 1 -51.70 -10.70 38.78
N ASN E 2 -51.27 -9.49 38.41
CA ASN E 2 -49.97 -9.28 37.81
C ASN E 2 -48.82 -9.45 38.80
N GLY E 3 -49.10 -9.46 40.09
CA GLY E 3 -48.09 -9.63 41.11
C GLY E 3 -48.35 -8.69 42.26
N THR E 4 -47.35 -8.52 43.12
CA THR E 4 -47.45 -7.61 44.24
C THR E 4 -46.39 -6.51 44.13
N GLU E 5 -46.80 -5.30 44.50
CA GLU E 5 -45.97 -4.11 44.38
C GLU E 5 -45.61 -3.59 45.76
N GLY E 6 -44.44 -2.97 45.85
CA GLY E 6 -44.02 -2.28 47.05
C GLY E 6 -43.78 -0.81 46.75
N PRO E 7 -42.88 -0.19 47.52
CA PRO E 7 -42.50 1.19 47.18
C PRO E 7 -41.71 1.29 45.88
N ASN E 8 -40.68 0.47 45.71
CA ASN E 8 -39.83 0.53 44.53
C ASN E 8 -39.49 -0.86 44.02
N PHE E 9 -40.44 -1.80 44.09
CA PHE E 9 -40.23 -3.12 43.52
C PHE E 9 -41.57 -3.71 43.11
N TYR E 10 -41.49 -4.69 42.22
CA TYR E 10 -42.66 -5.45 41.77
C TYR E 10 -42.22 -6.89 41.59
N VAL E 11 -42.80 -7.79 42.39
CA VAL E 11 -42.49 -9.22 42.31
C VAL E 11 -43.71 -9.95 41.79
N PRO E 12 -43.56 -10.86 40.81
CA PRO E 12 -44.73 -11.46 40.17
C PRO E 12 -45.36 -12.62 40.91
N PHE E 13 -45.01 -12.84 42.18
CA PHE E 13 -45.64 -13.88 42.98
C PHE E 13 -46.70 -13.26 43.87
N SER E 14 -47.88 -13.85 43.89
CA SER E 14 -48.98 -13.30 44.66
C SER E 14 -48.80 -13.56 46.15
N ASN E 15 -49.16 -12.58 46.97
CA ASN E 15 -48.99 -12.65 48.42
C ASN E 15 -50.14 -13.38 49.11
N LYS E 16 -51.00 -14.08 48.37
CA LYS E 16 -52.14 -14.77 48.98
C LYS E 16 -51.71 -15.97 49.82
N THR E 17 -50.53 -16.52 49.56
CA THR E 17 -49.95 -17.54 50.42
C THR E 17 -49.04 -16.95 51.50
N GLY E 18 -48.77 -15.65 51.43
CA GLY E 18 -48.04 -14.97 52.49
C GLY E 18 -46.57 -15.32 52.60
N VAL E 19 -45.89 -15.56 51.48
CA VAL E 19 -44.48 -15.96 51.51
C VAL E 19 -43.58 -14.97 50.81
N VAL E 20 -44.10 -13.97 50.14
CA VAL E 20 -43.27 -13.09 49.33
C VAL E 20 -42.72 -11.97 50.20
N ARG E 21 -41.54 -11.48 49.84
CA ARG E 21 -40.86 -10.42 50.59
C ARG E 21 -40.33 -9.37 49.63
N SER E 22 -39.52 -8.48 50.13
CA SER E 22 -38.86 -7.50 49.28
C SER E 22 -37.60 -8.10 48.68
N PRO E 23 -37.22 -7.68 47.46
CA PRO E 23 -35.96 -8.17 46.88
C PRO E 23 -34.73 -7.61 47.55
N PHE E 24 -34.85 -6.51 48.28
CA PHE E 24 -33.72 -5.90 48.95
C PHE E 24 -33.53 -6.40 50.38
N GLU E 25 -34.40 -7.28 50.87
CA GLU E 25 -34.39 -7.67 52.28
C GLU E 25 -34.17 -9.17 52.49
N ALA E 26 -34.89 -10.02 51.77
CA ALA E 26 -34.93 -11.44 52.06
C ALA E 26 -34.73 -12.25 50.80
N PRO E 27 -34.08 -13.41 50.88
CA PRO E 27 -33.78 -14.18 49.67
C PRO E 27 -35.02 -14.80 49.04
N GLN E 28 -34.95 -14.99 47.73
CA GLN E 28 -36.10 -15.31 46.88
C GLN E 28 -36.26 -16.82 46.66
N TYR E 29 -35.92 -17.62 47.65
CA TYR E 29 -36.09 -19.06 47.55
C TYR E 29 -37.55 -19.50 47.65
N TYR E 30 -38.44 -18.62 48.13
CA TYR E 30 -39.87 -18.88 47.99
C TYR E 30 -40.31 -18.77 46.54
N LEU E 31 -39.62 -17.94 45.76
CA LEU E 31 -40.02 -17.60 44.40
C LEU E 31 -39.54 -18.65 43.41
N ALA E 32 -38.22 -18.84 43.33
CA ALA E 32 -37.61 -19.81 42.43
C ALA E 32 -36.83 -20.82 43.27
N GLU E 33 -36.09 -21.67 42.60
CA GLU E 33 -35.28 -22.63 43.31
C GLU E 33 -33.83 -22.15 43.39
N PRO E 34 -33.09 -22.57 44.42
CA PRO E 34 -31.68 -22.14 44.53
C PRO E 34 -30.79 -22.68 43.42
N TRP E 35 -31.09 -23.85 42.88
CA TRP E 35 -30.30 -24.35 41.75
C TRP E 35 -30.56 -23.53 40.49
N GLN E 36 -31.75 -22.93 40.36
CA GLN E 36 -32.00 -22.00 39.26
C GLN E 36 -31.16 -20.74 39.41
N PHE E 37 -30.99 -20.25 40.64
CA PHE E 37 -30.12 -19.11 40.90
C PHE E 37 -28.68 -19.46 40.58
N SER E 38 -28.23 -20.66 40.96
CA SER E 38 -26.87 -21.09 40.64
C SER E 38 -26.68 -21.29 39.14
N MET E 39 -27.72 -21.73 38.43
CA MET E 39 -27.64 -21.90 36.98
C MET E 39 -27.56 -20.55 36.27
N LEU E 40 -28.33 -19.57 36.74
CA LEU E 40 -28.26 -18.22 36.18
C LEU E 40 -26.90 -17.58 36.47
N ALA E 41 -26.35 -17.84 37.66
CA ALA E 41 -25.03 -17.32 38.00
C ALA E 41 -23.94 -17.99 37.16
N ALA E 42 -24.09 -19.29 36.89
CA ALA E 42 -23.13 -19.99 36.05
C ALA E 42 -23.20 -19.51 34.61
N TYR E 43 -24.41 -19.19 34.12
CA TYR E 43 -24.55 -18.65 32.78
C TYR E 43 -23.95 -17.24 32.70
N MET E 44 -24.11 -16.45 33.76
CA MET E 44 -23.49 -15.13 33.78
C MET E 44 -21.97 -15.22 33.84
N PHE E 45 -21.45 -16.22 34.56
CA PHE E 45 -20.01 -16.44 34.61
C PHE E 45 -19.48 -16.87 33.26
N LEU E 46 -20.19 -17.76 32.57
CA LEU E 46 -19.81 -18.15 31.21
C LEU E 46 -19.87 -16.95 30.27
N LEU E 47 -20.87 -16.09 30.46
CA LEU E 47 -21.02 -14.88 29.65
C LEU E 47 -19.84 -13.93 29.82
N ILE E 48 -19.39 -13.70 31.07
CA ILE E 48 -18.29 -12.76 31.24
C ILE E 48 -16.97 -13.38 30.78
N MET E 49 -16.74 -14.68 31.06
CA MET E 49 -15.44 -15.25 30.67
C MET E 49 -15.34 -15.49 29.17
N LEU E 50 -16.47 -15.55 28.45
CA LEU E 50 -16.37 -15.67 27.00
C LEU E 50 -16.52 -14.33 26.29
N GLY E 51 -17.23 -13.36 26.86
CA GLY E 51 -17.42 -12.07 26.25
C GLY E 51 -16.39 -11.02 26.59
N PHE E 52 -15.59 -11.22 27.64
CA PHE E 52 -14.50 -10.28 27.91
C PHE E 52 -13.37 -10.34 26.89
N PRO E 53 -12.79 -11.51 26.52
CA PRO E 53 -11.69 -11.44 25.55
C PRO E 53 -12.13 -11.15 24.13
N ILE E 54 -13.32 -11.59 23.72
CA ILE E 54 -13.77 -11.35 22.34
C ILE E 54 -14.14 -9.88 22.15
N ASN E 55 -14.38 -9.15 23.23
CA ASN E 55 -14.63 -7.72 23.15
C ASN E 55 -13.41 -6.87 23.53
N PHE E 56 -12.40 -7.45 24.15
CA PHE E 56 -11.18 -6.68 24.44
C PHE E 56 -10.12 -6.84 23.37
N LEU E 57 -10.03 -8.03 22.75
CA LEU E 57 -9.00 -8.27 21.75
C LEU E 57 -9.26 -7.53 20.45
N THR E 58 -10.50 -7.09 20.21
CA THR E 58 -10.74 -6.23 19.05
C THR E 58 -10.15 -4.84 19.24
N LEU E 59 -10.23 -4.27 20.45
CA LEU E 59 -9.52 -3.02 20.71
C LEU E 59 -8.02 -3.24 20.74
N TYR E 60 -7.58 -4.42 21.18
CA TYR E 60 -6.17 -4.78 21.09
C TYR E 60 -5.66 -4.77 19.65
N VAL E 61 -6.36 -5.47 18.75
CA VAL E 61 -5.92 -5.54 17.37
C VAL E 61 -6.23 -4.29 16.56
N THR E 62 -7.04 -3.37 17.08
CA THR E 62 -7.14 -2.08 16.40
C THR E 62 -6.24 -1.02 17.00
N VAL E 63 -5.65 -1.26 18.18
CA VAL E 63 -4.62 -0.34 18.66
C VAL E 63 -3.23 -0.80 18.24
N GLN E 64 -3.06 -2.08 17.87
CA GLN E 64 -1.79 -2.48 17.26
C GLN E 64 -1.74 -2.23 15.76
N HIS E 65 -2.89 -2.18 15.08
CA HIS E 65 -2.92 -2.01 13.64
C HIS E 65 -3.48 -0.63 13.29
N LYS E 66 -3.07 -0.14 12.12
CA LYS E 66 -3.51 1.16 11.62
C LYS E 66 -4.63 1.03 10.59
N LYS E 67 -4.63 -0.06 9.81
CA LYS E 67 -5.65 -0.26 8.79
C LYS E 67 -7.04 -0.50 9.38
N LEU E 68 -7.12 -0.94 10.64
CA LEU E 68 -8.42 -1.13 11.27
C LEU E 68 -9.04 0.20 11.68
N ARG E 69 -8.23 1.20 11.98
CA ARG E 69 -8.71 2.54 12.30
C ARG E 69 -9.14 3.22 11.00
N THR E 70 -10.31 2.83 10.52
CA THR E 70 -10.99 3.17 9.30
C THR E 70 -12.21 4.03 9.63
N PRO E 71 -12.62 4.95 8.75
CA PRO E 71 -13.81 5.77 9.05
C PRO E 71 -15.15 5.04 9.02
N LEU E 72 -15.18 3.72 8.88
CA LEU E 72 -16.41 2.96 9.05
C LEU E 72 -16.19 1.70 9.88
N ASN E 73 -15.18 1.71 10.74
CA ASN E 73 -15.02 0.70 11.76
C ASN E 73 -15.12 1.28 13.17
N TYR E 74 -15.30 2.60 13.28
CA TYR E 74 -15.53 3.22 14.58
C TYR E 74 -16.86 2.80 15.17
N ILE E 75 -17.85 2.51 14.31
CA ILE E 75 -19.12 1.97 14.78
C ILE E 75 -18.93 0.57 15.35
N LEU E 76 -18.06 -0.23 14.74
CA LEU E 76 -17.82 -1.58 15.23
C LEU E 76 -17.05 -1.54 16.55
N LEU E 77 -16.12 -0.60 16.68
CA LEU E 77 -15.44 -0.40 17.95
C LEU E 77 -16.39 0.14 19.02
N ASN E 78 -17.37 0.95 18.62
CA ASN E 78 -18.37 1.44 19.56
C ASN E 78 -19.28 0.31 20.02
N LEU E 79 -19.59 -0.63 19.12
CA LEU E 79 -20.31 -1.84 19.52
C LEU E 79 -19.49 -2.68 20.48
N ALA E 80 -18.17 -2.74 20.25
CA ALA E 80 -17.29 -3.49 21.14
C ALA E 80 -17.24 -2.89 22.53
N VAL E 81 -17.14 -1.56 22.62
CA VAL E 81 -17.15 -0.92 23.94
C VAL E 81 -18.55 -0.94 24.55
N ALA E 82 -19.60 -1.06 23.73
CA ALA E 82 -20.95 -1.24 24.26
C ALA E 82 -21.09 -2.59 24.95
N ASP E 83 -20.65 -3.66 24.30
CA ASP E 83 -20.67 -4.95 24.98
C ASP E 83 -19.67 -5.04 26.12
N LEU E 84 -18.59 -4.25 26.08
CA LEU E 84 -17.71 -4.18 27.25
C LEU E 84 -18.40 -3.49 28.43
N PHE E 85 -19.21 -2.47 28.16
CA PHE E 85 -20.03 -1.88 29.21
C PHE E 85 -21.06 -2.87 29.74
N MET E 86 -21.66 -3.65 28.84
CA MET E 86 -22.63 -4.67 29.26
C MET E 86 -21.97 -5.82 30.01
N VAL E 87 -20.68 -6.06 29.81
CA VAL E 87 -19.97 -7.07 30.58
C VAL E 87 -19.58 -6.53 31.94
N PHE E 88 -18.93 -5.36 31.98
CA PHE E 88 -18.38 -4.85 33.23
C PHE E 88 -19.47 -4.33 34.16
N GLY E 89 -20.37 -3.50 33.63
CA GLY E 89 -21.49 -3.03 34.43
C GLY E 89 -22.50 -4.13 34.68
N GLY E 90 -23.02 -4.71 33.60
CA GLY E 90 -24.10 -5.67 33.68
C GLY E 90 -23.80 -6.99 34.36
N PHE E 91 -22.86 -7.77 33.82
CA PHE E 91 -22.79 -9.19 34.11
C PHE E 91 -22.21 -9.49 35.49
N THR E 92 -21.26 -8.68 35.96
CA THR E 92 -20.55 -8.99 37.20
C THR E 92 -21.45 -8.84 38.42
N THR E 93 -22.23 -7.76 38.47
CA THR E 93 -23.08 -7.53 39.62
C THR E 93 -24.27 -8.49 39.65
N THR E 94 -24.81 -8.85 38.48
CA THR E 94 -25.91 -9.81 38.49
C THR E 94 -25.38 -11.22 38.78
N LEU E 95 -24.11 -11.49 38.44
CA LEU E 95 -23.46 -12.72 38.87
C LEU E 95 -23.32 -12.76 40.39
N TYR E 96 -22.92 -11.64 40.98
CA TYR E 96 -22.74 -11.58 42.43
C TYR E 96 -24.06 -11.72 43.17
N THR E 97 -25.12 -11.05 42.71
CA THR E 97 -26.37 -11.16 43.43
C THR E 97 -27.13 -12.44 43.11
N SER E 98 -26.83 -13.10 41.99
CA SER E 98 -27.42 -14.42 41.78
C SER E 98 -26.69 -15.47 42.59
N LEU E 99 -25.40 -15.25 42.87
CA LEU E 99 -24.70 -16.11 43.83
C LEU E 99 -25.23 -15.89 45.23
N HIS E 100 -25.48 -14.63 45.61
CA HIS E 100 -25.90 -14.34 46.98
C HIS E 100 -27.40 -14.50 47.20
N GLY E 101 -28.22 -14.39 46.17
CA GLY E 101 -29.65 -14.49 46.35
C GLY E 101 -30.39 -13.18 46.23
N TYR E 102 -30.78 -12.58 47.35
CA TYR E 102 -31.51 -11.33 47.32
C TYR E 102 -30.60 -10.18 46.94
N PHE E 103 -31.18 -9.19 46.26
CA PHE E 103 -30.41 -8.08 45.70
C PHE E 103 -30.04 -7.10 46.80
N VAL E 104 -28.99 -7.44 47.54
CA VAL E 104 -28.44 -6.52 48.56
C VAL E 104 -27.39 -5.66 47.85
N PHE E 105 -27.89 -4.63 47.16
CA PHE E 105 -27.01 -3.65 46.54
C PHE E 105 -27.64 -2.25 46.62
N GLY E 106 -28.79 -2.11 47.27
CA GLY E 106 -29.42 -0.82 47.43
C GLY E 106 -30.24 -0.41 46.23
N PRO E 107 -31.32 0.34 46.46
CA PRO E 107 -32.10 0.86 45.32
C PRO E 107 -31.32 1.89 44.51
N THR E 108 -30.44 2.66 45.14
CA THR E 108 -29.57 3.57 44.40
C THR E 108 -28.58 2.79 43.54
N GLY E 109 -28.03 1.70 44.09
CA GLY E 109 -27.17 0.84 43.31
C GLY E 109 -27.90 0.15 42.17
N CYS E 110 -29.18 -0.16 42.37
CA CYS E 110 -29.97 -0.76 41.30
C CYS E 110 -30.31 0.27 40.22
N ASN E 111 -30.52 1.52 40.62
CA ASN E 111 -30.72 2.60 39.66
C ASN E 111 -29.47 2.88 38.87
N LEU E 112 -28.29 2.63 39.46
CA LEU E 112 -27.05 2.71 38.70
C LEU E 112 -26.89 1.51 37.77
N GLU E 113 -27.27 0.32 38.25
CA GLU E 113 -27.07 -0.91 37.50
C GLU E 113 -27.95 -0.99 36.26
N GLY E 114 -29.25 -0.69 36.43
CA GLY E 114 -30.15 -0.68 35.28
C GLY E 114 -29.78 0.38 34.27
N PHE E 115 -29.26 1.52 34.75
CA PHE E 115 -28.76 2.58 33.85
C PHE E 115 -27.59 2.09 33.02
N PHE E 116 -26.61 1.42 33.65
CA PHE E 116 -25.44 0.98 32.90
C PHE E 116 -25.77 -0.17 31.96
N ALA E 117 -26.65 -1.09 32.38
CA ALA E 117 -27.02 -2.21 31.53
C ALA E 117 -27.85 -1.77 30.33
N THR E 118 -28.85 -0.91 30.57
CA THR E 118 -29.65 -0.37 29.48
C THR E 118 -28.81 0.51 28.57
N LEU E 119 -27.81 1.21 29.13
CA LEU E 119 -26.87 2.00 28.34
C LEU E 119 -26.08 1.12 27.38
N GLY E 120 -25.50 0.03 27.89
CA GLY E 120 -24.73 -0.85 27.03
C GLY E 120 -25.57 -1.55 25.98
N GLY E 121 -26.76 -2.00 26.35
CA GLY E 121 -27.65 -2.63 25.39
C GLY E 121 -28.14 -1.68 24.31
N GLU E 122 -28.38 -0.43 24.67
CA GLU E 122 -28.87 0.52 23.66
C GLU E 122 -27.77 1.03 22.76
N ILE E 123 -26.53 1.19 23.27
CA ILE E 123 -25.43 1.48 22.36
C ILE E 123 -25.18 0.29 21.42
N ALA E 124 -25.38 -0.95 21.90
CA ALA E 124 -25.27 -2.11 21.02
C ALA E 124 -26.32 -2.08 19.91
N LEU E 125 -27.59 -1.86 20.29
CA LEU E 125 -28.70 -1.82 19.34
C LEU E 125 -28.52 -0.71 18.31
N TRP E 126 -28.27 0.52 18.79
CA TRP E 126 -28.16 1.63 17.86
C TRP E 126 -26.86 1.62 17.07
N SER E 127 -25.82 0.93 17.56
CA SER E 127 -24.63 0.78 16.74
C SER E 127 -24.88 -0.18 15.60
N LEU E 128 -25.64 -1.26 15.85
CA LEU E 128 -26.07 -2.13 14.75
C LEU E 128 -26.93 -1.36 13.75
N VAL E 129 -27.80 -0.48 14.25
CA VAL E 129 -28.69 0.29 13.38
C VAL E 129 -27.90 1.25 12.50
N VAL E 130 -26.98 2.01 13.10
CA VAL E 130 -26.24 2.98 12.29
C VAL E 130 -25.17 2.32 11.44
N LEU E 131 -24.70 1.10 11.76
CA LEU E 131 -23.81 0.44 10.81
C LEU E 131 -24.61 -0.08 9.62
N ALA E 132 -25.86 -0.50 9.84
CA ALA E 132 -26.74 -0.79 8.72
C ALA E 132 -27.01 0.47 7.89
N ILE E 133 -27.13 1.62 8.55
CA ILE E 133 -27.32 2.90 7.86
C ILE E 133 -26.12 3.23 6.98
N GLU E 134 -24.91 3.13 7.53
CA GLU E 134 -23.76 3.53 6.73
C GLU E 134 -23.43 2.51 5.66
N ARG E 135 -23.70 1.22 5.90
CA ARG E 135 -23.52 0.21 4.86
C ARG E 135 -24.50 0.44 3.71
N TYR E 136 -25.75 0.78 4.03
CA TYR E 136 -26.73 1.13 3.01
C TYR E 136 -26.30 2.35 2.21
N VAL E 137 -25.83 3.39 2.89
CA VAL E 137 -25.54 4.64 2.19
C VAL E 137 -24.19 4.57 1.45
N VAL E 138 -23.29 3.66 1.80
CA VAL E 138 -22.02 3.58 1.10
C VAL E 138 -22.00 2.49 0.03
N VAL E 139 -22.92 1.52 0.08
CA VAL E 139 -22.99 0.50 -0.96
C VAL E 139 -24.09 0.79 -1.95
N CYS E 140 -25.32 1.07 -1.48
CA CYS E 140 -26.44 1.25 -2.38
C CYS E 140 -26.42 2.60 -3.09
N LYS E 141 -25.68 3.58 -2.54
CA LYS E 141 -25.52 4.95 -3.02
C LYS E 141 -26.85 5.65 -3.28
N PRO E 142 -27.61 6.03 -2.24
CA PRO E 142 -28.86 6.76 -2.48
C PRO E 142 -28.66 8.26 -2.67
N MET E 143 -27.46 8.77 -2.40
CA MET E 143 -27.16 10.19 -2.55
C MET E 143 -25.87 10.34 -3.35
N SER E 144 -25.96 10.97 -4.52
CA SER E 144 -24.78 11.23 -5.32
C SER E 144 -23.97 12.37 -4.71
N ASN E 145 -22.73 12.51 -5.22
CA ASN E 145 -21.75 13.50 -4.74
C ASN E 145 -21.48 13.36 -3.25
N PHE E 146 -21.27 12.13 -2.81
CA PHE E 146 -21.15 11.81 -1.40
C PHE E 146 -20.04 10.78 -1.18
N ARG E 147 -19.32 10.95 -0.09
CA ARG E 147 -18.34 9.98 0.37
C ARG E 147 -18.49 9.83 1.88
N PHE E 148 -17.78 8.86 2.44
CA PHE E 148 -17.87 8.55 3.86
C PHE E 148 -16.51 8.81 4.51
N GLY E 149 -16.46 9.80 5.39
CA GLY E 149 -15.22 10.18 6.04
C GLY E 149 -15.29 10.14 7.55
N GLU E 150 -14.32 10.79 8.20
CA GLU E 150 -14.26 10.81 9.66
C GLU E 150 -15.34 11.69 10.27
N ASN E 151 -15.87 12.65 9.49
CA ASN E 151 -16.89 13.56 9.99
C ASN E 151 -18.23 12.86 10.26
N HIS E 152 -18.48 11.71 9.63
CA HIS E 152 -19.74 11.01 9.79
C HIS E 152 -19.68 9.88 10.80
N ALA E 153 -18.50 9.29 11.02
CA ALA E 153 -18.37 8.15 11.93
C ALA E 153 -18.61 8.56 13.37
N ILE E 154 -17.95 9.63 13.83
CA ILE E 154 -18.15 10.08 15.19
C ILE E 154 -19.54 10.71 15.36
N MET E 155 -20.12 11.24 14.28
CA MET E 155 -21.50 11.71 14.32
C MET E 155 -22.47 10.55 14.56
N GLY E 156 -22.24 9.42 13.88
CA GLY E 156 -23.07 8.25 14.11
C GLY E 156 -22.88 7.66 15.49
N VAL E 157 -21.64 7.66 15.99
CA VAL E 157 -21.36 7.19 17.35
C VAL E 157 -22.06 8.07 18.37
N ALA E 158 -22.02 9.39 18.17
CA ALA E 158 -22.74 10.31 19.05
C ALA E 158 -24.25 10.14 18.93
N PHE E 159 -24.75 9.71 17.76
CA PHE E 159 -26.17 9.44 17.62
C PHE E 159 -26.58 8.21 18.44
N THR E 160 -25.75 7.16 18.43
CA THR E 160 -26.01 6.00 19.29
C THR E 160 -25.94 6.39 20.76
N TRP E 161 -24.99 7.26 21.12
CA TRP E 161 -24.85 7.67 22.51
C TRP E 161 -26.04 8.53 22.97
N VAL E 162 -26.54 9.40 22.10
CA VAL E 162 -27.66 10.24 22.52
C VAL E 162 -28.97 9.46 22.52
N MET E 163 -29.11 8.43 21.65
CA MET E 163 -30.30 7.59 21.73
C MET E 163 -30.26 6.70 22.97
N ALA E 164 -29.08 6.20 23.33
CA ALA E 164 -28.94 5.41 24.55
C ALA E 164 -29.15 6.25 25.80
N LEU E 165 -28.75 7.52 25.76
CA LEU E 165 -29.01 8.40 26.90
C LEU E 165 -30.44 8.92 26.90
N ALA E 166 -31.13 8.89 25.77
CA ALA E 166 -32.57 9.13 25.78
C ALA E 166 -33.34 7.92 26.28
N CYS E 167 -32.74 6.74 26.21
CA CYS E 167 -33.36 5.54 26.76
C CYS E 167 -33.13 5.38 28.26
N ALA E 168 -31.87 5.31 28.68
CA ALA E 168 -31.55 4.84 30.02
C ALA E 168 -31.73 5.90 31.11
N ALA E 169 -31.69 7.18 30.77
CA ALA E 169 -31.81 8.26 31.73
C ALA E 169 -33.21 8.61 32.27
N PRO E 170 -34.31 8.61 31.49
CA PRO E 170 -35.62 8.99 32.08
C PRO E 170 -36.13 8.06 33.17
N PRO E 171 -35.66 6.81 33.31
CA PRO E 171 -35.87 6.15 34.60
C PRO E 171 -35.23 6.82 35.80
N LEU E 172 -34.14 7.57 35.61
CA LEU E 172 -33.49 8.20 36.75
C LEU E 172 -34.19 9.49 37.19
N VAL E 173 -34.89 10.16 36.28
CA VAL E 173 -35.51 11.44 36.57
C VAL E 173 -37.01 11.32 36.84
N GLY E 174 -37.55 10.12 36.82
CA GLY E 174 -38.92 9.90 37.22
C GLY E 174 -39.93 9.60 36.12
N TRP E 175 -39.49 9.10 34.97
CA TRP E 175 -40.44 8.64 33.96
C TRP E 175 -40.68 7.13 34.04
N SER E 176 -39.80 6.39 34.71
CA SER E 176 -40.04 4.97 34.93
C SER E 176 -39.32 4.55 36.21
N ARG E 177 -39.18 3.25 36.39
CA ARG E 177 -38.47 2.66 37.50
C ARG E 177 -37.24 1.93 36.99
N TYR E 178 -36.44 1.46 37.94
CA TYR E 178 -35.33 0.54 37.72
C TYR E 178 -35.42 -0.62 38.70
N ILE E 179 -36.60 -1.24 38.75
CA ILE E 179 -36.86 -2.38 39.62
C ILE E 179 -36.03 -3.58 39.16
N PRO E 180 -35.70 -4.50 40.06
CA PRO E 180 -35.11 -5.77 39.62
C PRO E 180 -36.19 -6.66 39.01
N GLU E 181 -35.89 -7.23 37.84
CA GLU E 181 -36.86 -7.98 37.07
C GLU E 181 -36.43 -9.43 36.95
N GLY E 182 -37.40 -10.27 36.59
CA GLY E 182 -37.14 -11.68 36.37
C GLY E 182 -36.96 -12.46 37.66
N MET E 183 -35.73 -12.90 37.91
CA MET E 183 -35.40 -13.69 39.09
C MET E 183 -35.00 -12.82 40.28
N GLN E 184 -35.38 -11.53 40.26
CA GLN E 184 -35.02 -10.53 41.28
C GLN E 184 -33.50 -10.42 41.44
N CYS E 185 -32.78 -10.52 40.32
CA CYS E 185 -31.32 -10.54 40.37
C CYS E 185 -30.71 -9.70 39.26
N SER E 186 -31.48 -8.84 38.61
CA SER E 186 -30.96 -7.99 37.55
C SER E 186 -31.86 -6.77 37.43
N CYS E 187 -31.29 -5.58 37.57
CA CYS E 187 -32.06 -4.35 37.45
C CYS E 187 -32.49 -4.16 36.00
N GLY E 188 -33.80 -4.19 35.77
CA GLY E 188 -34.33 -4.05 34.44
C GLY E 188 -35.16 -2.78 34.33
N ILE E 189 -35.13 -2.18 33.14
CA ILE E 189 -35.97 -1.02 32.88
C ILE E 189 -37.43 -1.45 32.89
N ASP E 190 -38.28 -0.64 33.53
CA ASP E 190 -39.65 -1.08 33.82
C ASP E 190 -40.50 -1.04 32.57
N TYR E 191 -41.14 -2.17 32.25
CA TYR E 191 -42.00 -2.24 31.08
C TYR E 191 -43.26 -3.06 31.32
N TYR E 192 -43.53 -3.50 32.54
CA TYR E 192 -44.66 -4.39 32.77
C TYR E 192 -45.55 -4.04 33.96
N THR E 193 -45.17 -3.09 34.79
CA THR E 193 -45.96 -2.81 35.99
C THR E 193 -47.22 -2.02 35.63
N PRO E 194 -48.30 -2.19 36.39
CA PRO E 194 -49.47 -1.31 36.27
C PRO E 194 -49.37 -0.07 37.15
N HIS E 195 -48.27 0.66 37.00
CA HIS E 195 -48.01 1.85 37.81
C HIS E 195 -48.55 3.08 37.10
N GLU E 196 -49.24 3.93 37.86
CA GLU E 196 -49.90 5.10 37.32
C GLU E 196 -49.22 6.41 37.67
N GLU E 197 -48.33 6.42 38.65
CA GLU E 197 -47.71 7.66 39.12
C GLU E 197 -46.70 8.19 38.11
N THR E 198 -45.83 7.31 37.62
CA THR E 198 -44.72 7.74 36.77
C THR E 198 -45.03 7.66 35.29
N ASN E 199 -46.29 7.50 34.91
CA ASN E 199 -46.76 7.41 33.52
C ASN E 199 -46.07 6.27 32.77
N ASN E 200 -46.25 5.05 33.31
CA ASN E 200 -45.53 3.89 32.81
C ASN E 200 -46.04 3.44 31.44
N GLU E 201 -47.35 3.53 31.21
CA GLU E 201 -47.94 3.09 29.96
C GLU E 201 -47.46 3.92 28.78
N SER E 202 -47.34 5.24 28.99
CA SER E 202 -46.77 6.12 27.98
C SER E 202 -45.32 5.78 27.69
N PHE E 203 -44.57 5.34 28.71
CA PHE E 203 -43.18 4.94 28.46
C PHE E 203 -43.10 3.63 27.68
N VAL E 204 -43.99 2.68 27.98
CA VAL E 204 -44.00 1.41 27.27
C VAL E 204 -44.35 1.63 25.80
N ILE E 205 -45.35 2.46 25.52
CA ILE E 205 -45.70 2.71 24.12
C ILE E 205 -44.65 3.58 23.44
N TYR E 206 -43.95 4.44 24.19
CA TYR E 206 -42.86 5.23 23.62
C TYR E 206 -41.69 4.34 23.24
N MET E 207 -41.35 3.36 24.08
CA MET E 207 -40.26 2.46 23.77
C MET E 207 -40.63 1.53 22.61
N PHE E 208 -41.86 1.04 22.58
CA PHE E 208 -42.28 0.16 21.50
C PHE E 208 -42.39 0.90 20.17
N VAL E 209 -42.66 2.21 20.20
CA VAL E 209 -42.73 2.96 18.95
C VAL E 209 -41.35 3.42 18.50
N VAL E 210 -40.58 4.03 19.39
CA VAL E 210 -39.33 4.66 18.99
C VAL E 210 -38.18 3.67 18.97
N HIS E 211 -38.04 2.82 19.99
CA HIS E 211 -36.85 2.00 20.15
C HIS E 211 -37.00 0.57 19.67
N PHE E 212 -38.16 0.16 19.15
CA PHE E 212 -38.25 -1.16 18.55
C PHE E 212 -38.66 -1.14 17.09
N ILE E 213 -39.79 -0.53 16.75
CA ILE E 213 -40.26 -0.66 15.37
C ILE E 213 -39.57 0.31 14.42
N ILE E 214 -39.04 1.42 14.92
CA ILE E 214 -38.24 2.31 14.08
C ILE E 214 -36.88 1.68 13.76
N PRO E 215 -36.11 1.10 14.72
CA PRO E 215 -34.91 0.37 14.29
C PRO E 215 -35.19 -0.88 13.48
N LEU E 216 -36.33 -1.54 13.69
CA LEU E 216 -36.67 -2.70 12.87
C LEU E 216 -36.96 -2.30 11.44
N ILE E 217 -37.74 -1.23 11.24
CA ILE E 217 -38.03 -0.71 9.91
C ILE E 217 -36.75 -0.24 9.22
N VAL E 218 -35.86 0.40 9.98
CA VAL E 218 -34.61 0.90 9.43
C VAL E 218 -33.69 -0.25 9.00
N ILE E 219 -33.55 -1.27 9.86
CA ILE E 219 -32.69 -2.41 9.55
C ILE E 219 -33.23 -3.21 8.38
N PHE E 220 -34.56 -3.44 8.35
CA PHE E 220 -35.16 -4.15 7.22
C PHE E 220 -35.01 -3.40 5.91
N PHE E 221 -35.25 -2.08 5.92
CA PHE E 221 -35.12 -1.29 4.71
C PHE E 221 -33.67 -1.24 4.22
N CYS E 222 -32.72 -1.08 5.15
CA CYS E 222 -31.31 -1.00 4.78
C CYS E 222 -30.79 -2.30 4.21
N TYR E 223 -31.02 -3.42 4.93
CA TYR E 223 -30.50 -4.69 4.45
C TYR E 223 -31.26 -5.21 3.23
N GLY E 224 -32.54 -4.87 3.10
CA GLY E 224 -33.27 -5.23 1.90
C GLY E 224 -32.79 -4.50 0.67
N GLN E 225 -32.53 -3.19 0.80
CA GLN E 225 -31.97 -2.45 -0.32
C GLN E 225 -30.54 -2.88 -0.61
N LEU E 226 -29.80 -3.32 0.41
CA LEU E 226 -28.45 -3.83 0.19
C LEU E 226 -28.46 -5.13 -0.61
N VAL E 227 -29.32 -6.07 -0.22
CA VAL E 227 -29.42 -7.35 -0.92
C VAL E 227 -29.96 -7.14 -2.34
N PHE E 228 -30.90 -6.19 -2.50
CA PHE E 228 -31.43 -5.91 -3.83
C PHE E 228 -30.38 -5.29 -4.74
N THR E 229 -29.61 -4.32 -4.24
CA THR E 229 -28.61 -3.69 -5.09
C THR E 229 -27.36 -4.55 -5.28
N VAL E 230 -27.15 -5.59 -4.48
CA VAL E 230 -26.07 -6.52 -4.78
C VAL E 230 -26.53 -7.56 -5.80
N LYS E 231 -27.75 -8.09 -5.63
CA LYS E 231 -28.26 -9.10 -6.55
C LYS E 231 -28.56 -8.51 -7.93
N GLU E 232 -29.00 -7.25 -7.99
CA GLU E 232 -29.24 -6.60 -9.27
C GLU E 232 -27.93 -6.31 -10.01
N ALA E 233 -26.82 -6.17 -9.30
CA ALA E 233 -25.52 -6.02 -9.94
C ALA E 233 -24.90 -7.37 -10.29
N ALA E 234 -25.23 -8.41 -9.54
CA ALA E 234 -24.79 -9.76 -9.89
C ALA E 234 -25.52 -10.28 -11.11
N ALA E 235 -26.75 -9.81 -11.33
CA ALA E 235 -27.45 -10.13 -12.57
C ALA E 235 -26.91 -9.37 -13.77
N GLN E 236 -26.14 -8.30 -13.53
CA GLN E 236 -25.59 -7.52 -14.63
C GLN E 236 -24.43 -8.22 -15.31
N GLN E 237 -23.64 -8.99 -14.57
CA GLN E 237 -22.46 -9.66 -15.11
C GLN E 237 -22.37 -11.07 -14.52
N GLN E 238 -22.84 -12.05 -15.28
CA GLN E 238 -22.85 -13.44 -14.82
C GLN E 238 -21.54 -14.16 -15.10
N GLU E 239 -20.68 -13.62 -15.98
CA GLU E 239 -19.42 -14.27 -16.29
C GLU E 239 -18.38 -14.10 -15.17
N SER E 240 -18.53 -13.07 -14.34
CA SER E 240 -17.60 -12.84 -13.24
C SER E 240 -17.85 -13.86 -12.14
N ALA E 241 -16.87 -14.72 -11.90
CA ALA E 241 -16.99 -15.79 -10.91
C ALA E 241 -16.68 -15.31 -9.49
N THR E 242 -16.52 -14.01 -9.28
CA THR E 242 -16.33 -13.44 -7.96
C THR E 242 -17.58 -12.74 -7.44
N THR E 243 -18.39 -12.18 -8.34
CA THR E 243 -19.63 -11.53 -7.93
C THR E 243 -20.66 -12.56 -7.45
N GLN E 244 -20.75 -13.70 -8.15
CA GLN E 244 -21.58 -14.79 -7.67
C GLN E 244 -21.04 -15.42 -6.40
N LYS E 245 -19.72 -15.33 -6.17
CA LYS E 245 -19.17 -15.67 -4.88
C LYS E 245 -19.55 -14.62 -3.83
N ALA E 246 -19.76 -13.38 -4.27
CA ALA E 246 -20.03 -12.30 -3.33
C ALA E 246 -21.48 -12.27 -2.88
N GLU E 247 -22.43 -12.45 -3.82
CA GLU E 247 -23.84 -12.26 -3.51
C GLU E 247 -24.39 -13.33 -2.57
N LYS E 248 -23.89 -14.57 -2.70
CA LYS E 248 -24.28 -15.63 -1.79
C LYS E 248 -23.81 -15.34 -0.37
N GLU E 249 -22.58 -14.86 -0.23
CA GLU E 249 -22.02 -14.59 1.08
C GLU E 249 -22.70 -13.40 1.76
N VAL E 250 -23.00 -12.34 0.99
CA VAL E 250 -23.64 -11.19 1.61
C VAL E 250 -25.12 -11.48 1.90
N THR E 251 -25.77 -12.35 1.11
CA THR E 251 -27.14 -12.75 1.42
C THR E 251 -27.18 -13.60 2.67
N ARG E 252 -26.21 -14.52 2.81
CA ARG E 252 -26.08 -15.31 4.03
C ARG E 252 -25.80 -14.44 5.25
N MET E 253 -24.94 -13.42 5.08
CA MET E 253 -24.61 -12.54 6.18
C MET E 253 -25.78 -11.64 6.57
N VAL E 254 -26.57 -11.19 5.60
CA VAL E 254 -27.73 -10.36 5.89
C VAL E 254 -28.80 -11.18 6.62
N ILE E 255 -29.00 -12.43 6.20
CA ILE E 255 -29.96 -13.31 6.89
C ILE E 255 -29.50 -13.60 8.30
N ILE E 256 -28.19 -13.84 8.49
CA ILE E 256 -27.64 -14.12 9.81
C ILE E 256 -27.76 -12.89 10.71
N MET E 257 -27.56 -11.70 10.16
CA MET E 257 -27.64 -10.47 10.97
C MET E 257 -29.09 -10.14 11.35
N VAL E 258 -30.03 -10.39 10.44
CA VAL E 258 -31.44 -10.13 10.74
C VAL E 258 -31.95 -11.11 11.78
N ILE E 259 -31.55 -12.39 11.69
CA ILE E 259 -31.90 -13.36 12.72
C ILE E 259 -31.20 -13.02 14.04
N ALA E 260 -29.98 -12.47 13.98
CA ALA E 260 -29.26 -12.07 15.18
C ALA E 260 -29.91 -10.90 15.88
N PHE E 261 -30.56 -10.02 15.13
CA PHE E 261 -31.29 -8.91 15.72
C PHE E 261 -32.62 -9.38 16.29
N LEU E 262 -33.38 -10.16 15.51
CA LEU E 262 -34.72 -10.59 15.87
C LEU E 262 -34.74 -11.83 16.73
N ILE E 263 -33.60 -12.32 17.21
CA ILE E 263 -33.62 -13.37 18.22
C ILE E 263 -33.25 -12.83 19.60
N CYS E 264 -32.81 -11.57 19.69
CA CYS E 264 -32.48 -10.97 20.97
C CYS E 264 -33.21 -9.67 21.28
N TRP E 265 -33.85 -9.03 20.28
CA TRP E 265 -34.68 -7.87 20.59
C TRP E 265 -36.16 -8.10 20.30
N LEU E 266 -36.54 -9.28 19.84
CA LEU E 266 -37.94 -9.67 19.68
C LEU E 266 -38.65 -10.14 20.96
N PRO E 267 -38.05 -10.93 21.87
CA PRO E 267 -38.82 -11.34 23.06
C PRO E 267 -39.19 -10.20 24.01
N TYR E 268 -38.36 -9.16 24.10
CA TYR E 268 -38.73 -7.95 24.85
C TYR E 268 -39.99 -7.32 24.30
N ALA E 269 -40.04 -7.10 22.99
CA ALA E 269 -41.22 -6.50 22.38
C ALA E 269 -42.42 -7.43 22.45
N GLY E 270 -42.20 -8.75 22.39
CA GLY E 270 -43.30 -9.68 22.50
C GLY E 270 -43.92 -9.71 23.89
N VAL E 271 -43.07 -9.74 24.92
CA VAL E 271 -43.55 -9.73 26.30
C VAL E 271 -44.23 -8.40 26.62
N ALA E 272 -43.65 -7.28 26.15
CA ALA E 272 -44.24 -5.98 26.40
C ALA E 272 -45.56 -5.81 25.66
N PHE E 273 -45.66 -6.35 24.44
CA PHE E 273 -46.90 -6.23 23.67
C PHE E 273 -47.99 -7.13 24.25
N TYR E 274 -47.62 -8.32 24.73
CA TYR E 274 -48.59 -9.20 25.35
C TYR E 274 -49.08 -8.63 26.68
N ILE E 275 -48.20 -7.98 27.43
CA ILE E 275 -48.60 -7.44 28.73
C ILE E 275 -49.41 -6.16 28.55
N PHE E 276 -49.05 -5.33 27.58
CA PHE E 276 -49.82 -4.13 27.32
C PHE E 276 -51.17 -4.43 26.67
N THR E 277 -51.25 -5.49 25.86
CA THR E 277 -52.53 -5.86 25.26
C THR E 277 -53.43 -6.57 26.26
N HIS E 278 -52.94 -7.67 26.85
CA HIS E 278 -53.68 -8.33 27.91
C HIS E 278 -53.53 -7.53 29.19
N GLN E 279 -54.46 -6.61 29.43
CA GLN E 279 -54.39 -5.71 30.59
C GLN E 279 -54.68 -6.52 31.84
N GLY E 280 -53.61 -6.90 32.54
CA GLY E 280 -53.72 -7.79 33.67
C GLY E 280 -53.48 -9.22 33.25
N SER E 281 -52.34 -9.79 33.66
CA SER E 281 -51.97 -11.14 33.27
C SER E 281 -51.38 -11.84 34.49
N ASP E 282 -50.78 -13.01 34.27
CA ASP E 282 -50.19 -13.78 35.36
C ASP E 282 -49.06 -14.61 34.76
N PHE E 283 -47.83 -14.17 34.95
CA PHE E 283 -46.65 -14.90 34.50
C PHE E 283 -45.82 -15.34 35.71
N GLY E 284 -44.69 -15.96 35.42
CA GLY E 284 -43.79 -16.41 36.44
C GLY E 284 -42.47 -15.67 36.40
N PRO E 285 -41.60 -15.94 37.36
CA PRO E 285 -40.27 -15.30 37.35
C PRO E 285 -39.37 -15.83 36.25
N ILE E 286 -39.37 -17.14 36.03
CA ILE E 286 -38.49 -17.74 35.04
C ILE E 286 -38.97 -17.45 33.63
N PHE E 287 -40.25 -17.14 33.44
CA PHE E 287 -40.73 -16.72 32.13
C PHE E 287 -40.32 -15.29 31.82
N MET E 288 -40.15 -14.46 32.84
CA MET E 288 -39.85 -13.05 32.65
C MET E 288 -38.37 -12.79 32.39
N THR E 289 -37.49 -13.76 32.65
CA THR E 289 -36.07 -13.53 32.55
C THR E 289 -35.44 -14.11 31.28
N ILE E 290 -36.15 -14.93 30.53
CA ILE E 290 -35.61 -15.41 29.26
C ILE E 290 -35.47 -14.35 28.15
N PRO E 291 -36.22 -13.22 28.10
CA PRO E 291 -35.77 -12.18 27.16
C PRO E 291 -34.50 -11.49 27.60
N ALA E 292 -34.24 -11.40 28.90
CA ALA E 292 -32.94 -10.91 29.37
C ALA E 292 -31.84 -11.92 29.08
N PHE E 293 -32.16 -13.21 29.12
CA PHE E 293 -31.24 -14.27 28.69
C PHE E 293 -30.84 -14.07 27.23
N PHE E 294 -31.83 -13.90 26.35
CA PHE E 294 -31.56 -13.74 24.92
C PHE E 294 -30.84 -12.42 24.63
N ALA E 295 -31.19 -11.35 25.35
CA ALA E 295 -30.56 -10.05 25.07
C ALA E 295 -29.15 -9.97 25.64
N LYS E 296 -28.87 -10.65 26.74
CA LYS E 296 -27.52 -10.67 27.28
C LYS E 296 -26.65 -11.70 26.58
N THR E 297 -27.25 -12.62 25.82
CA THR E 297 -26.46 -13.45 24.92
C THR E 297 -25.86 -12.62 23.77
N SER E 298 -26.48 -11.48 23.43
CA SER E 298 -26.01 -10.65 22.33
C SER E 298 -24.62 -10.08 22.58
N ALA E 299 -24.28 -9.85 23.86
CA ALA E 299 -22.95 -9.34 24.21
C ALA E 299 -21.83 -10.33 23.89
N VAL E 300 -22.15 -11.62 23.73
CA VAL E 300 -21.14 -12.59 23.37
C VAL E 300 -21.30 -13.11 21.94
N TYR E 301 -22.50 -13.05 21.34
CA TYR E 301 -22.58 -13.52 19.97
C TYR E 301 -22.52 -12.40 18.94
N ASN E 302 -22.52 -11.13 19.34
CA ASN E 302 -22.44 -10.06 18.35
C ASN E 302 -21.04 -9.86 17.76
N PRO E 303 -19.93 -9.98 18.52
CA PRO E 303 -18.64 -10.05 17.82
C PRO E 303 -18.44 -11.30 16.99
N VAL E 304 -19.12 -12.41 17.32
CA VAL E 304 -18.99 -13.65 16.57
C VAL E 304 -19.52 -13.46 15.15
N ILE E 305 -20.54 -12.64 14.97
CA ILE E 305 -21.09 -12.36 13.66
C ILE E 305 -20.46 -11.13 13.02
N TYR E 306 -20.23 -10.06 13.79
CA TYR E 306 -19.93 -8.77 13.20
C TYR E 306 -18.45 -8.52 12.97
N ILE E 307 -17.55 -9.09 13.78
CA ILE E 307 -16.12 -8.93 13.52
C ILE E 307 -15.41 -10.26 13.26
N MET E 308 -15.92 -11.39 13.74
CA MET E 308 -15.30 -12.66 13.38
C MET E 308 -15.64 -13.12 11.97
N MET E 309 -16.69 -12.57 11.37
CA MET E 309 -17.04 -12.83 9.98
C MET E 309 -16.87 -11.56 9.15
N ASN E 310 -15.80 -10.82 9.42
CA ASN E 310 -15.59 -9.51 8.82
C ASN E 310 -14.48 -9.51 7.78
N LYS E 311 -13.63 -10.55 7.75
CA LYS E 311 -12.57 -10.85 6.78
C LYS E 311 -11.36 -9.91 6.94
N GLN E 312 -11.47 -8.84 7.71
CA GLN E 312 -10.34 -7.96 8.00
C GLN E 312 -9.91 -8.04 9.46
N PHE E 313 -10.86 -8.14 10.38
CA PHE E 313 -10.50 -8.26 11.80
C PHE E 313 -9.92 -9.64 12.10
N ARG E 314 -10.51 -10.69 11.50
CA ARG E 314 -10.15 -12.06 11.86
C ARG E 314 -8.73 -12.42 11.45
N ASN E 315 -8.22 -11.82 10.36
CA ASN E 315 -6.84 -12.06 9.96
C ASN E 315 -5.87 -11.48 10.99
N CYS E 316 -6.15 -10.28 11.50
CA CYS E 316 -5.27 -9.68 12.50
C CYS E 316 -5.39 -10.42 13.83
N MET E 317 -6.57 -10.96 14.16
CA MET E 317 -6.67 -11.75 15.37
C MET E 317 -5.96 -13.11 15.25
N VAL E 318 -5.96 -13.72 14.07
CA VAL E 318 -5.25 -14.99 13.96
C VAL E 318 -3.75 -14.81 13.74
N THR E 319 -3.29 -13.62 13.34
CA THR E 319 -1.87 -13.32 13.40
C THR E 319 -1.44 -12.74 14.74
N THR E 320 -2.38 -12.34 15.59
CA THR E 320 -2.06 -12.00 16.96
C THR E 320 -2.05 -13.23 17.86
N LEU E 321 -2.90 -14.22 17.59
CA LEU E 321 -2.88 -15.46 18.34
C LEU E 321 -1.91 -16.49 17.78
N CYS E 322 -1.59 -16.38 16.48
CA CYS E 322 -0.60 -17.19 15.76
C CYS E 322 -0.93 -18.68 15.74
N CYS E 323 -2.20 -19.04 15.93
CA CYS E 323 -2.61 -20.44 15.92
C CYS E 323 -4.03 -20.54 15.39
N GLY E 324 -4.24 -21.42 14.41
CA GLY E 324 -5.57 -21.68 13.89
C GLY E 324 -5.92 -20.83 12.67
N LYS E 325 -5.06 -20.82 11.67
CA LYS E 325 -5.33 -20.05 10.46
C LYS E 325 -6.39 -20.75 9.60
N ASN E 326 -7.13 -19.94 8.85
CA ASN E 326 -8.15 -20.46 7.94
C ASN E 326 -7.63 -20.49 6.50
#